data_6UX2
#
_entry.id   6UX2
#
_cell.length_a   85.113
_cell.length_b   124.700
_cell.length_c   84.783
_cell.angle_alpha   90.000
_cell.angle_beta   109.392
_cell.angle_gamma   90.000
#
_symmetry.space_group_name_H-M   'P 1 21 1'
#
loop_
_entity.id
_entity.type
_entity.pdbx_description
1 polymer 'Signal transducer and activator of transcription 2'
2 polymer 'Nonstructural Protein 5'
3 non-polymer 'SULFATE ION'
4 non-polymer 'ZINC ION'
5 water water
#
loop_
_entity_poly.entity_id
_entity_poly.type
_entity_poly.pdbx_seq_one_letter_code
_entity_poly.pdbx_strand_id
1 'polypeptide(L)'
;MAQWEMLQNLDSPFQDQLHQLYSHSLLPVDIRQYLAVWIEDQNWQEAALGSDDSKATMLFFHFLDQLNYECGRCSQDPES
LLLQHNLRKFCRDIQPFSQDPTQLAEMIFNLLLEEKRILIQAQRAQLEQGEPVLETPVESQQHEIESRILDLRAMMEKLV
KSISQLKDQQDVFCFRYKIQAKGKTPSLDPHQTKEQKILQETLNELDKRRKEVLDASKALLGRLTTLIELLLPKLEEWKA
QQQKACIRAPIDHGLEQLETWFTAGAKLLFHLRQLLKELKGLSCLVSYQDDPLTKGVDLRNAQVTELLQRLLHRAFVVET
QPCMPQTPHRPLILKTGSKFTVRTRLLVRLQEGNESLTVEVSIDRNPPQLQGFRKFNILTSNQKTLTPEKGQSQGLIWDF
GYLTLVEQRSGGSGKGSNKGPLGVTEELHIISFTVKYTYQGLKQELKTDTLPVVIISNMNQLSIAWASVLWFNLLSPNLQ
NQQFFSNPPKAPWSLLGPALSWQFSSYVGRGLNSDQLSMLRNKLFGQNCRTEDPLLSWADFTKRESPPGKLPFWTWLDKI
LELVHDHLKDLWNDGRIMGFVSRSQERRLLKKTMSGTFLLRFSESSEGGITCSWVEHQDDDKVLIYSVQPYTKEVLQSLP
LTEIIRHYQLLTEENIPENPLRFLYPRIPRDEAFGCYYQEKVNLQERRKYLKHRLIVVSNRQVDELQQPLELK
;
A
2 'polypeptide(L)'
;PNMKIIGRRIERIRNEHAETWFLDENHPYRTWAYHGSYEAPTQGSASSLVNGVVRLLSKPWDVVTGVTGIAMTDTTPYGQ
QRVFKEKVDTRVPDPQEGTRQVMNIVSSWLWKELGKRKRPRVCTKEEFINKVRSNAALGAIFEEEKEWKTAVEAVNDPRF
WALVDREREHHLRGECHSCVYNMMGKREKKQGEFGKAKGSRAIWYMWLGARFLEFEALGFLNEDHWMGRENSGGGVEGLG
LQRLGYILEEMNRAPGGKMYADDTAGWDTRISKFDLENEALITNQMEEGHRTLALAVIKYTYQNKVVKVLRPAEGGKTVM
DIISRQDQRGSGQVVTYALNTFTNLVVQLIRNMEAEEVLEMQDLWLLRKPEKVTRWLQSNGWDRLKRMAVSGDDCVVKPI
DDRFAHALRFLNDMGKVRKDTQEWKPSTGWSNWEEVPFCSHHFNKLYLKDGRSIVVPCRHQDELIGRARVSPGAGWSIRE
TACLAKSYAQMWQLLYFHRRDLRLMANAICSAVPVDWVPTGRTTWSIHGKGEWMTTEDMLMVWNRVWIEENDHMEDKTPV
TKWTDIPYLGKREDLWCGSLIGHRPRTTWAENIKDTVNMVRRIIGDEEKYMDYLSTQVRYLGEEGSTPGVL
;
B
#
# COMPACT_ATOMS: atom_id res chain seq x y z
N SER A 25 9.11 -17.17 -0.91
CA SER A 25 8.38 -15.89 -1.12
C SER A 25 7.06 -16.17 -1.85
N LEU A 26 5.93 -15.81 -1.22
CA LEU A 26 4.59 -16.02 -1.82
C LEU A 26 4.48 -15.18 -3.11
N LEU A 27 4.96 -13.94 -3.08
CA LEU A 27 4.91 -13.06 -4.28
C LEU A 27 5.79 -13.66 -5.36
N PRO A 28 5.38 -13.68 -6.65
CA PRO A 28 6.20 -14.28 -7.70
C PRO A 28 7.13 -13.31 -8.44
N VAL A 29 8.43 -13.43 -8.18
CA VAL A 29 9.51 -12.66 -8.86
C VAL A 29 10.67 -13.64 -9.06
N ASP A 30 10.46 -14.64 -9.92
CA ASP A 30 11.46 -15.73 -10.13
C ASP A 30 12.67 -15.27 -10.93
N ILE A 31 13.74 -16.07 -10.88
CA ILE A 31 14.99 -15.89 -11.60
C ILE A 31 15.43 -14.43 -11.51
N ARG A 32 15.48 -13.89 -10.30
CA ARG A 32 16.06 -12.56 -10.10
C ARG A 32 17.51 -12.50 -10.54
N GLN A 33 18.11 -13.66 -10.83
CA GLN A 33 19.54 -13.71 -11.14
C GLN A 33 19.83 -13.18 -12.54
N TYR A 34 18.92 -13.40 -13.50
CA TYR A 34 19.15 -12.94 -14.86
C TYR A 34 19.31 -11.42 -14.91
N LEU A 35 18.28 -10.70 -14.47
CA LEU A 35 18.36 -9.25 -14.31
C LEU A 35 18.81 -8.85 -12.92
N ALA A 36 19.67 -9.67 -12.29
CA ALA A 36 20.10 -9.39 -10.92
C ALA A 36 20.91 -8.11 -10.85
N VAL A 37 21.85 -7.92 -11.77
CA VAL A 37 22.57 -6.66 -11.86
C VAL A 37 21.60 -5.50 -11.93
N TRP A 38 20.58 -5.61 -12.79
CA TRP A 38 19.61 -4.53 -12.93
C TRP A 38 18.92 -4.26 -11.61
N ILE A 39 18.34 -5.29 -11.01
CA ILE A 39 17.59 -5.10 -9.77
C ILE A 39 18.51 -4.64 -8.66
N GLU A 40 19.72 -5.22 -8.58
CA GLU A 40 20.68 -4.84 -7.56
C GLU A 40 21.20 -3.42 -7.75
N ASP A 41 21.36 -2.97 -8.99
CA ASP A 41 21.81 -1.62 -9.28
C ASP A 41 20.72 -0.58 -9.10
N GLN A 42 19.46 -0.99 -8.98
CA GLN A 42 18.32 -0.09 -9.04
C GLN A 42 18.22 0.78 -7.79
N ASN A 43 17.32 1.77 -7.87
CA ASN A 43 17.05 2.68 -6.76
C ASN A 43 15.68 2.39 -6.17
N TRP A 44 15.52 1.21 -5.58
CA TRP A 44 14.21 0.78 -5.07
C TRP A 44 13.83 1.56 -3.82
N GLN A 45 14.76 1.69 -2.87
CA GLN A 45 14.46 2.40 -1.63
C GLN A 45 14.09 3.85 -1.90
N GLU A 46 14.80 4.50 -2.83
CA GLU A 46 14.44 5.87 -3.20
C GLU A 46 13.07 5.89 -3.88
N ALA A 47 12.77 4.85 -4.66
CA ALA A 47 11.50 4.78 -5.37
C ALA A 47 10.37 4.20 -4.52
N ALA A 48 10.64 3.82 -3.26
CA ALA A 48 9.58 3.33 -2.38
C ALA A 48 8.44 4.34 -2.32
N LEU A 49 8.78 5.60 -2.11
CA LEU A 49 7.85 6.72 -2.26
C LEU A 49 8.70 7.97 -2.42
N GLY A 50 8.04 9.08 -2.76
CA GLY A 50 8.79 10.32 -2.90
C GLY A 50 7.90 11.44 -3.40
N SER A 51 8.54 12.60 -3.59
CA SER A 51 7.84 13.78 -4.06
C SER A 51 7.20 13.55 -5.43
N ASP A 52 7.79 12.68 -6.25
CA ASP A 52 7.29 12.42 -7.58
C ASP A 52 7.23 10.92 -7.80
N ASP A 53 6.02 10.41 -8.11
CA ASP A 53 5.85 9.06 -8.61
C ASP A 53 6.60 8.83 -9.92
N SER A 54 7.10 9.91 -10.55
CA SER A 54 7.74 9.81 -11.85
C SER A 54 8.95 8.89 -11.81
N LYS A 55 9.70 8.91 -10.71
CA LYS A 55 10.88 8.05 -10.63
C LYS A 55 10.46 6.58 -10.57
N ALA A 56 9.37 6.28 -9.85
CA ALA A 56 8.88 4.91 -9.82
C ALA A 56 8.37 4.47 -11.19
N THR A 57 7.68 5.36 -11.90
CA THR A 57 7.22 5.00 -13.25
C THR A 57 8.38 4.85 -14.21
N MET A 58 9.46 5.61 -14.02
CA MET A 58 10.65 5.43 -14.85
C MET A 58 11.31 4.08 -14.56
N LEU A 59 11.41 3.71 -13.28
CA LEU A 59 11.84 2.36 -12.93
C LEU A 59 10.96 1.32 -13.60
N PHE A 60 9.64 1.57 -13.65
CA PHE A 60 8.74 0.65 -14.33
C PHE A 60 9.08 0.50 -15.81
N PHE A 61 9.22 1.64 -16.50
CA PHE A 61 9.48 1.59 -17.94
C PHE A 61 10.82 0.91 -18.24
N HIS A 62 11.89 1.32 -17.56
CA HIS A 62 13.19 0.73 -17.85
C HIS A 62 13.27 -0.71 -17.35
N PHE A 63 12.55 -1.05 -16.29
CA PHE A 63 12.41 -2.43 -15.85
C PHE A 63 11.83 -3.28 -16.97
N LEU A 64 10.73 -2.83 -17.57
CA LEU A 64 10.16 -3.51 -18.71
C LEU A 64 11.17 -3.61 -19.85
N ASP A 65 11.89 -2.52 -20.12
CA ASP A 65 12.93 -2.51 -21.16
C ASP A 65 13.92 -3.64 -20.95
N GLN A 66 14.32 -3.87 -19.70
CA GLN A 66 15.19 -4.99 -19.39
C GLN A 66 14.46 -6.31 -19.58
N LEU A 67 13.17 -6.35 -19.21
CA LEU A 67 12.41 -7.59 -19.25
C LEU A 67 12.19 -8.12 -20.66
N ASN A 68 12.39 -7.28 -21.67
CA ASN A 68 12.27 -7.71 -23.06
C ASN A 68 13.26 -8.84 -23.35
N GLN A 76 21.82 -19.40 -23.79
CA GLN A 76 22.07 -20.82 -23.58
C GLN A 76 21.07 -21.67 -24.36
N ASP A 77 20.81 -22.88 -23.88
CA ASP A 77 19.93 -23.81 -24.53
C ASP A 77 18.47 -23.41 -24.35
N PRO A 78 17.58 -23.85 -25.25
CA PRO A 78 16.15 -23.56 -25.06
C PRO A 78 15.57 -24.21 -23.81
N GLU A 79 16.11 -25.37 -23.40
CA GLU A 79 15.69 -25.95 -22.13
C GLU A 79 16.02 -25.03 -20.97
N SER A 80 17.11 -24.28 -21.07
CA SER A 80 17.39 -23.27 -20.05
C SER A 80 16.51 -22.04 -20.25
N LEU A 81 16.03 -21.82 -21.47
CA LEU A 81 15.15 -20.70 -21.79
C LEU A 81 13.67 -21.04 -21.58
N LEU A 82 13.37 -22.11 -20.86
CA LEU A 82 11.98 -22.42 -20.54
C LEU A 82 11.35 -21.30 -19.73
N LEU A 83 12.05 -20.81 -18.72
CA LEU A 83 11.60 -19.64 -17.97
C LEU A 83 11.41 -18.41 -18.84
N GLN A 84 11.90 -18.44 -20.09
CA GLN A 84 11.57 -17.39 -21.04
C GLN A 84 10.07 -17.19 -21.15
N HIS A 85 9.30 -18.27 -21.01
CA HIS A 85 7.84 -18.12 -20.96
C HIS A 85 7.40 -17.54 -19.62
N ASN A 86 7.98 -18.04 -18.52
CA ASN A 86 7.61 -17.58 -17.18
C ASN A 86 7.74 -16.07 -17.06
N LEU A 87 8.85 -15.52 -17.57
CA LEU A 87 9.05 -14.07 -17.63
C LEU A 87 7.79 -13.37 -18.11
N ARG A 88 7.25 -13.81 -19.26
CA ARG A 88 6.07 -13.17 -19.83
C ARG A 88 4.95 -13.05 -18.81
N LYS A 89 4.69 -14.14 -18.08
CA LYS A 89 3.66 -14.11 -17.04
C LYS A 89 3.90 -12.95 -16.07
N PHE A 90 5.11 -12.88 -15.51
CA PHE A 90 5.45 -11.76 -14.64
C PHE A 90 5.23 -10.43 -15.35
N CYS A 91 5.66 -10.33 -16.61
CA CYS A 91 5.52 -9.09 -17.34
C CYS A 91 4.07 -8.66 -17.48
N ARG A 92 3.13 -9.61 -17.39
CA ARG A 92 1.72 -9.27 -17.36
C ARG A 92 1.21 -9.07 -15.94
N ASP A 93 1.76 -9.82 -14.98
CA ASP A 93 1.27 -9.74 -13.61
C ASP A 93 1.49 -8.36 -13.00
N ILE A 94 2.51 -7.64 -13.46
CA ILE A 94 2.80 -6.33 -12.90
C ILE A 94 2.13 -5.24 -13.75
N GLN A 95 1.25 -5.64 -14.66
CA GLN A 95 0.52 -4.66 -15.44
C GLN A 95 -0.41 -3.82 -14.56
N PRO A 96 -1.13 -4.41 -13.59
CA PRO A 96 -1.88 -3.56 -12.65
C PRO A 96 -0.99 -2.63 -11.84
N PHE A 97 0.30 -2.92 -11.71
CA PHE A 97 1.21 -2.02 -11.01
C PHE A 97 1.51 -0.76 -11.83
N SER A 98 1.14 -0.72 -13.11
CA SER A 98 1.25 0.52 -13.87
C SER A 98 0.24 1.57 -13.42
N GLN A 99 -0.76 1.17 -12.62
CA GLN A 99 -1.69 2.10 -12.01
C GLN A 99 -1.17 2.60 -10.66
N ASP A 100 -0.52 1.73 -9.90
CA ASP A 100 0.10 2.08 -8.62
C ASP A 100 1.58 1.72 -8.72
N PRO A 101 2.39 2.58 -9.36
CA PRO A 101 3.81 2.24 -9.55
C PRO A 101 4.59 2.18 -8.26
N THR A 102 4.23 3.03 -7.28
CA THR A 102 4.84 2.95 -5.96
C THR A 102 4.65 1.58 -5.33
N GLN A 103 3.62 0.83 -5.72
CA GLN A 103 3.44 -0.51 -5.19
C GLN A 103 4.52 -1.47 -5.71
N LEU A 104 4.81 -1.41 -7.00
CA LEU A 104 5.89 -2.24 -7.55
C LEU A 104 7.24 -1.83 -6.98
N ALA A 105 7.51 -0.52 -6.94
CA ALA A 105 8.76 -0.06 -6.35
C ALA A 105 8.84 -0.41 -4.86
N GLU A 106 7.68 -0.49 -4.19
CA GLU A 106 7.67 -0.89 -2.79
C GLU A 106 7.96 -2.37 -2.62
N MET A 107 7.44 -3.19 -3.54
CA MET A 107 7.83 -4.61 -3.53
C MET A 107 9.33 -4.74 -3.68
N ILE A 108 9.93 -4.00 -4.61
CA ILE A 108 11.37 -4.08 -4.81
C ILE A 108 12.12 -3.57 -3.59
N PHE A 109 11.62 -2.50 -2.96
CA PHE A 109 12.35 -1.89 -1.84
C PHE A 109 12.24 -2.72 -0.57
N ASN A 110 11.06 -3.30 -0.32
CA ASN A 110 10.89 -4.15 0.85
C ASN A 110 11.59 -5.49 0.67
N LEU A 111 11.64 -6.01 -0.56
CA LEU A 111 12.43 -7.20 -0.84
C LEU A 111 13.91 -6.90 -1.00
N LEU A 112 14.30 -5.62 -0.97
CA LEU A 112 15.69 -5.23 -1.12
C LEU A 112 16.47 -5.57 0.15
N PRO A 137 20.31 -14.47 22.37
CA PRO A 137 19.03 -13.80 22.06
C PRO A 137 18.19 -13.57 23.31
N VAL A 138 18.83 -13.08 24.37
CA VAL A 138 18.10 -12.84 25.62
C VAL A 138 17.03 -11.79 25.43
N GLU A 139 17.36 -10.72 24.71
CA GLU A 139 16.42 -9.63 24.43
C GLU A 139 16.37 -9.40 22.92
N SER A 140 15.44 -10.07 22.25
CA SER A 140 15.05 -9.69 20.90
C SER A 140 13.82 -8.80 20.91
N GLN A 141 13.25 -8.55 22.09
CA GLN A 141 12.05 -7.71 22.20
C GLN A 141 12.33 -6.28 21.74
N GLN A 142 13.57 -5.82 21.88
CA GLN A 142 13.95 -4.50 21.35
C GLN A 142 13.75 -4.45 19.84
N HIS A 143 14.23 -5.48 19.14
CA HIS A 143 14.05 -5.52 17.69
C HIS A 143 12.57 -5.59 17.32
N GLU A 144 11.78 -6.34 18.08
CA GLU A 144 10.34 -6.42 17.79
C GLU A 144 9.69 -5.05 17.95
N ILE A 145 10.01 -4.36 19.04
CA ILE A 145 9.47 -3.02 19.27
C ILE A 145 9.82 -2.10 18.10
N GLU A 146 11.10 -2.03 17.75
CA GLU A 146 11.53 -1.10 16.71
C GLU A 146 10.94 -1.46 15.35
N SER A 147 10.86 -2.77 15.04
CA SER A 147 10.31 -3.19 13.77
C SER A 147 8.83 -2.88 13.67
N ARG A 148 8.08 -3.10 14.76
CA ARG A 148 6.66 -2.77 14.75
C ARG A 148 6.45 -1.27 14.59
N ILE A 149 7.29 -0.46 15.25
CA ILE A 149 7.17 0.99 15.12
C ILE A 149 7.41 1.41 13.68
N LEU A 150 8.45 0.87 13.04
CA LEU A 150 8.72 1.19 11.64
C LEU A 150 7.59 0.73 10.73
N ASP A 151 7.07 -0.47 10.97
CA ASP A 151 5.96 -1.00 10.17
C ASP A 151 4.76 -0.07 10.21
N LEU A 152 4.31 0.29 11.42
CA LEU A 152 3.12 1.13 11.49
C LEU A 152 3.41 2.58 11.11
N ARG A 153 4.67 3.02 11.11
CA ARG A 153 4.98 4.30 10.50
C ARG A 153 4.78 4.27 8.99
N ALA A 154 5.23 3.18 8.33
CA ALA A 154 4.96 3.02 6.91
C ALA A 154 3.46 2.96 6.64
N MET A 155 2.73 2.21 7.47
CA MET A 155 1.27 2.16 7.34
C MET A 155 0.65 3.53 7.55
N MET A 156 1.22 4.34 8.43
CA MET A 156 0.71 5.70 8.63
C MET A 156 0.91 6.54 7.39
N GLU A 157 2.08 6.42 6.74
CA GLU A 157 2.28 7.13 5.48
C GLU A 157 1.26 6.71 4.44
N LYS A 158 1.00 5.40 4.34
CA LYS A 158 0.01 4.92 3.38
C LYS A 158 -1.38 5.45 3.69
N LEU A 159 -1.75 5.48 4.98
CA LEU A 159 -3.06 6.01 5.36
C LEU A 159 -3.16 7.51 5.07
N VAL A 160 -2.07 8.25 5.26
CA VAL A 160 -2.08 9.67 4.93
C VAL A 160 -2.30 9.86 3.44
N LYS A 161 -1.64 9.05 2.60
CA LYS A 161 -1.87 9.14 1.16
C LYS A 161 -3.33 8.82 0.82
N SER A 162 -3.89 7.79 1.46
CA SER A 162 -5.29 7.44 1.23
C SER A 162 -6.21 8.61 1.56
N ILE A 163 -6.00 9.24 2.71
CA ILE A 163 -6.84 10.38 3.10
C ILE A 163 -6.67 11.53 2.11
N SER A 164 -5.42 11.77 1.69
CA SER A 164 -5.15 12.90 0.80
C SER A 164 -5.84 12.73 -0.55
N GLN A 165 -5.92 11.49 -1.04
CA GLN A 165 -6.61 11.29 -2.32
C GLN A 165 -8.12 11.19 -2.14
N LEU A 166 -8.60 10.69 -1.00
CA LEU A 166 -10.04 10.65 -0.75
C LEU A 166 -10.61 12.07 -0.65
N LYS A 167 -9.87 12.99 -0.04
CA LYS A 167 -10.32 14.38 0.01
C LYS A 167 -10.50 14.94 -1.39
N ASP A 168 -9.55 14.66 -2.29
CA ASP A 168 -9.66 15.15 -3.66
C ASP A 168 -10.82 14.50 -4.39
N GLN A 169 -11.09 13.22 -4.13
CA GLN A 169 -12.22 12.58 -4.78
C GLN A 169 -13.55 13.17 -4.31
N GLN A 170 -13.66 13.46 -3.01
CA GLN A 170 -14.86 14.14 -2.53
C GLN A 170 -14.97 15.54 -3.11
N ASP A 171 -13.83 16.21 -3.32
CA ASP A 171 -13.86 17.55 -3.91
C ASP A 171 -14.33 17.51 -5.37
N VAL A 172 -13.86 16.52 -6.14
CA VAL A 172 -14.34 16.42 -7.52
C VAL A 172 -15.81 16.01 -7.54
N PHE A 173 -16.24 15.21 -6.56
CA PHE A 173 -17.66 14.87 -6.47
C PHE A 173 -18.51 16.11 -6.22
N CYS A 174 -18.06 16.98 -5.33
CA CYS A 174 -18.80 18.21 -5.07
C CYS A 174 -18.77 19.13 -6.30
N PHE A 175 -17.62 19.23 -6.96
CA PHE A 175 -17.46 20.09 -8.13
C PHE A 175 -18.36 19.64 -9.28
N ARG A 176 -18.60 18.32 -9.40
CA ARG A 176 -19.47 17.83 -10.44
C ARG A 176 -20.93 17.65 -10.00
N TYR A 177 -21.20 17.70 -8.69
CA TYR A 177 -22.58 17.71 -8.23
C TYR A 177 -23.17 19.12 -8.27
N LYS A 178 -22.32 20.15 -8.08
CA LYS A 178 -22.80 21.51 -8.22
C LYS A 178 -23.35 21.77 -9.62
N ILE A 179 -22.65 21.29 -10.65
CA ILE A 179 -23.09 21.52 -12.02
C ILE A 179 -24.41 20.79 -12.29
N GLN A 180 -24.50 19.53 -11.86
CA GLN A 180 -25.72 18.76 -12.08
C GLN A 180 -26.90 19.35 -11.31
N ALA A 181 -26.66 19.93 -10.13
CA ALA A 181 -27.72 20.59 -9.41
C ALA A 181 -28.11 21.92 -10.06
N LYS A 182 -27.16 22.57 -10.72
CA LYS A 182 -27.46 23.79 -11.46
C LYS A 182 -28.13 23.50 -12.81
N GLY A 183 -28.15 22.24 -13.24
CA GLY A 183 -28.87 21.91 -14.46
C GLY A 183 -30.35 22.18 -14.31
N LYS A 184 -30.96 22.68 -15.39
CA LYS A 184 -32.35 23.11 -15.36
C LYS A 184 -33.34 21.96 -15.53
N THR A 185 -32.87 20.72 -15.68
CA THR A 185 -33.75 19.58 -15.87
C THR A 185 -34.47 19.19 -14.59
N PRO A 186 -33.83 19.25 -13.40
CA PRO A 186 -34.61 19.06 -12.17
C PRO A 186 -35.86 19.93 -12.08
N THR A 193 -31.61 12.09 -16.85
CA THR A 193 -31.60 11.54 -15.50
C THR A 193 -30.63 10.36 -15.39
N LYS A 194 -30.03 9.99 -16.52
CA LYS A 194 -29.16 8.82 -16.54
C LYS A 194 -27.78 9.13 -15.96
N GLU A 195 -27.25 10.33 -16.21
CA GLU A 195 -25.95 10.71 -15.66
C GLU A 195 -26.00 10.90 -14.15
N GLN A 196 -27.18 11.16 -13.59
CA GLN A 196 -27.34 11.16 -12.15
C GLN A 196 -26.89 9.82 -11.56
N LYS A 197 -27.13 8.72 -12.28
CA LYS A 197 -26.71 7.42 -11.78
C LYS A 197 -25.21 7.21 -11.90
N ILE A 198 -24.55 7.84 -12.87
CA ILE A 198 -23.10 7.82 -12.90
C ILE A 198 -22.53 8.59 -11.71
N LEU A 199 -23.17 9.72 -11.37
CA LEU A 199 -22.78 10.44 -10.16
C LEU A 199 -22.99 9.59 -8.92
N GLN A 200 -24.11 8.86 -8.86
CA GLN A 200 -24.33 7.94 -7.75
C GLN A 200 -23.31 6.81 -7.74
N GLU A 201 -22.81 6.41 -8.91
CA GLU A 201 -21.80 5.36 -8.99
C GLU A 201 -20.48 5.84 -8.39
N THR A 202 -20.06 7.05 -8.74
CA THR A 202 -18.84 7.56 -8.10
C THR A 202 -19.06 7.83 -6.61
N LEU A 203 -20.31 8.13 -6.21
CA LEU A 203 -20.62 8.22 -4.78
C LEU A 203 -20.43 6.87 -4.09
N ASN A 204 -20.89 5.79 -4.72
CA ASN A 204 -20.70 4.46 -4.15
C ASN A 204 -19.21 4.10 -4.10
N GLU A 205 -18.44 4.55 -5.10
CA GLU A 205 -17.00 4.38 -5.05
C GLU A 205 -16.41 5.10 -3.84
N LEU A 206 -16.88 6.32 -3.56
CA LEU A 206 -16.46 7.03 -2.36
C LEU A 206 -16.80 6.25 -1.10
N ASP A 207 -17.99 5.65 -1.05
CA ASP A 207 -18.40 4.88 0.11
C ASP A 207 -17.46 3.70 0.34
N LYS A 208 -17.15 2.97 -0.73
CA LYS A 208 -16.22 1.85 -0.62
C LYS A 208 -14.84 2.32 -0.16
N ARG A 209 -14.38 3.45 -0.70
CA ARG A 209 -13.09 3.99 -0.30
C ARG A 209 -13.05 4.34 1.19
N ARG A 210 -14.12 4.95 1.69
CA ARG A 210 -14.12 5.34 3.10
C ARG A 210 -14.27 4.13 4.01
N LYS A 211 -14.99 3.09 3.57
CA LYS A 211 -14.98 1.83 4.32
C LYS A 211 -13.58 1.25 4.39
N GLU A 212 -12.84 1.31 3.28
CA GLU A 212 -11.46 0.84 3.28
C GLU A 212 -10.60 1.66 4.24
N VAL A 213 -10.84 2.98 4.29
CA VAL A 213 -10.09 3.83 5.21
C VAL A 213 -10.38 3.46 6.66
N LEU A 214 -11.65 3.19 6.98
CA LEU A 214 -11.99 2.76 8.33
C LEU A 214 -11.32 1.44 8.68
N ASP A 215 -11.31 0.49 7.75
CA ASP A 215 -10.65 -0.79 8.02
C ASP A 215 -9.15 -0.59 8.21
N ALA A 216 -8.54 0.32 7.45
CA ALA A 216 -7.12 0.59 7.62
C ALA A 216 -6.84 1.21 8.98
N SER A 217 -7.71 2.12 9.43
CA SER A 217 -7.53 2.71 10.76
C SER A 217 -7.65 1.66 11.85
N LYS A 218 -8.58 0.71 11.69
CA LYS A 218 -8.70 -0.37 12.67
C LYS A 218 -7.48 -1.27 12.66
N ALA A 219 -6.94 -1.56 11.47
CA ALA A 219 -5.71 -2.34 11.38
C ALA A 219 -4.54 -1.63 12.04
N LEU A 220 -4.51 -0.29 11.96
CA LEU A 220 -3.49 0.46 12.68
C LEU A 220 -3.70 0.38 14.19
N LEU A 221 -4.96 0.45 14.62
CA LEU A 221 -5.26 0.43 16.06
C LEU A 221 -4.86 -0.90 16.68
N GLY A 222 -5.08 -2.00 15.97
CA GLY A 222 -4.69 -3.30 16.50
C GLY A 222 -3.20 -3.38 16.77
N ARG A 223 -2.38 -2.98 15.79
CA ARG A 223 -0.94 -3.05 15.96
C ARG A 223 -0.44 -2.06 17.01
N LEU A 224 -1.05 -0.88 17.09
CA LEU A 224 -0.67 0.07 18.13
C LEU A 224 -1.02 -0.48 19.51
N THR A 225 -2.14 -1.18 19.63
CA THR A 225 -2.50 -1.81 20.89
C THR A 225 -1.48 -2.86 21.30
N THR A 226 -1.08 -3.70 20.34
CA THR A 226 -0.04 -4.69 20.62
C THR A 226 1.26 -4.00 21.04
N LEU A 227 1.60 -2.88 20.38
CA LEU A 227 2.81 -2.15 20.72
C LEU A 227 2.77 -1.62 22.15
N ILE A 228 1.62 -1.08 22.57
CA ILE A 228 1.50 -0.58 23.94
C ILE A 228 1.58 -1.72 24.94
N GLU A 229 0.91 -2.85 24.63
CA GLU A 229 0.97 -4.02 25.49
C GLU A 229 2.36 -4.60 25.59
N LEU A 230 3.22 -4.32 24.62
CA LEU A 230 4.64 -4.69 24.76
C LEU A 230 5.42 -3.63 25.53
N LEU A 231 5.10 -2.36 25.31
CA LEU A 231 5.90 -1.27 25.88
C LEU A 231 5.76 -1.18 27.39
N LEU A 232 4.53 -1.29 27.90
CA LEU A 232 4.33 -1.10 29.34
C LEU A 232 5.09 -2.13 30.20
N PRO A 233 5.06 -3.43 29.90
CA PRO A 233 5.89 -4.36 30.68
C PRO A 233 7.37 -4.03 30.64
N LYS A 234 7.89 -3.51 29.53
CA LYS A 234 9.27 -3.07 29.48
C LYS A 234 9.54 -1.98 30.51
N LEU A 235 8.62 -1.02 30.63
CA LEU A 235 8.79 0.04 31.62
C LEU A 235 8.73 -0.51 33.04
N GLU A 236 7.86 -1.48 33.30
CA GLU A 236 7.81 -2.04 34.65
C GLU A 236 9.08 -2.84 34.96
N GLU A 237 9.63 -3.54 33.96
CA GLU A 237 10.92 -4.20 34.13
C GLU A 237 12.01 -3.18 34.45
N TRP A 238 12.00 -2.04 33.75
CA TRP A 238 12.97 -0.99 34.07
C TRP A 238 12.76 -0.45 35.48
N LYS A 239 11.51 -0.38 35.94
CA LYS A 239 11.26 0.06 37.31
C LYS A 239 11.86 -0.90 38.32
N ALA A 240 11.70 -2.20 38.09
CA ALA A 240 12.32 -3.19 38.98
C ALA A 240 13.85 -3.09 38.92
N GLN A 241 14.40 -2.87 37.73
CA GLN A 241 15.85 -2.73 37.60
C GLN A 241 16.36 -1.49 38.33
N GLN A 242 15.60 -0.40 38.28
CA GLN A 242 15.98 0.80 39.03
C GLN A 242 15.87 0.57 40.53
N GLN A 243 14.85 -0.18 40.96
CA GLN A 243 14.76 -0.56 42.37
C GLN A 243 16.00 -1.31 42.82
N LYS A 244 16.47 -2.24 41.99
CA LYS A 244 17.72 -2.93 42.33
C LYS A 244 18.91 -1.99 42.28
N ALA A 245 18.93 -1.07 41.33
CA ALA A 245 20.09 -0.18 41.16
C ALA A 245 20.21 0.80 42.32
N CYS A 246 19.08 1.17 42.95
CA CYS A 246 19.15 2.09 44.08
C CYS A 246 19.97 1.51 45.23
N ILE A 247 19.79 0.21 45.51
CA ILE A 247 20.51 -0.44 46.59
C ILE A 247 21.85 -0.97 46.08
N ARG A 248 22.51 -0.17 45.23
CA ARG A 248 23.91 -0.33 44.86
C ARG A 248 24.18 -1.52 43.94
N ALA A 249 23.16 -2.04 43.25
CA ALA A 249 23.40 -3.06 42.25
C ALA A 249 24.09 -2.44 41.04
N PRO A 250 25.05 -3.15 40.41
CA PRO A 250 25.78 -2.57 39.26
C PRO A 250 24.99 -2.68 37.97
N ILE A 251 24.04 -1.77 37.78
CA ILE A 251 23.17 -1.76 36.62
C ILE A 251 23.33 -0.44 35.89
N ASP A 252 23.60 -0.50 34.59
CA ASP A 252 23.60 0.67 33.74
C ASP A 252 22.27 0.72 33.00
N HIS A 253 21.51 1.80 33.21
CA HIS A 253 20.19 1.92 32.61
C HIS A 253 19.97 3.35 32.15
N GLY A 254 18.71 3.67 31.86
CA GLY A 254 18.34 4.98 31.35
C GLY A 254 16.98 4.95 30.67
N LEU A 255 16.26 6.05 30.72
CA LEU A 255 14.93 6.13 30.13
C LEU A 255 14.96 6.61 28.69
N GLU A 256 16.15 6.77 28.10
CA GLU A 256 16.25 7.30 26.74
C GLU A 256 15.60 6.37 25.73
N GLN A 257 15.91 5.07 25.81
CA GLN A 257 15.33 4.10 24.88
C GLN A 257 13.83 4.00 25.08
N LEU A 258 13.39 3.88 26.33
CA LEU A 258 11.95 3.91 26.62
C LEU A 258 11.34 5.24 26.21
N GLU A 259 12.09 6.34 26.31
CA GLU A 259 11.58 7.62 25.82
C GLU A 259 11.30 7.55 24.33
N THR A 260 12.25 7.04 23.55
CA THR A 260 12.05 6.94 22.11
C THR A 260 10.85 6.06 21.78
N TRP A 261 10.72 4.93 22.48
CA TRP A 261 9.62 4.01 22.19
C TRP A 261 8.26 4.63 22.53
N PHE A 262 8.11 5.11 23.77
CA PHE A 262 6.87 5.75 24.19
C PHE A 262 6.54 6.94 23.30
N THR A 263 7.55 7.70 22.89
CA THR A 263 7.31 8.91 22.10
C THR A 263 6.90 8.56 20.68
N ALA A 264 7.49 7.53 20.09
CA ALA A 264 7.03 7.07 18.78
C ALA A 264 5.57 6.64 18.85
N GLY A 265 5.23 5.81 19.84
CA GLY A 265 3.85 5.41 20.01
C GLY A 265 2.91 6.59 20.16
N ALA A 266 3.30 7.57 20.98
CA ALA A 266 2.44 8.71 21.24
C ALA A 266 2.30 9.60 20.00
N LYS A 267 3.40 9.84 19.30
CA LYS A 267 3.34 10.65 18.08
C LYS A 267 2.38 10.03 17.08
N LEU A 268 2.46 8.71 16.89
CA LEU A 268 1.58 8.10 15.91
C LEU A 268 0.14 8.04 16.38
N LEU A 269 -0.09 7.88 17.69
CA LEU A 269 -1.45 7.96 18.23
C LEU A 269 -2.06 9.33 17.98
N PHE A 270 -1.31 10.40 18.31
CA PHE A 270 -1.82 11.75 18.08
C PHE A 270 -2.02 12.04 16.60
N HIS A 271 -1.15 11.49 15.74
CA HIS A 271 -1.32 11.66 14.31
C HIS A 271 -2.61 11.02 13.82
N LEU A 272 -2.91 9.82 14.30
CA LEU A 272 -4.17 9.17 13.93
C LEU A 272 -5.37 9.97 14.46
N ARG A 273 -5.25 10.47 15.69
CA ARG A 273 -6.30 11.31 16.26
C ARG A 273 -6.56 12.55 15.41
N GLN A 274 -5.50 13.12 14.84
CA GLN A 274 -5.66 14.27 13.95
C GLN A 274 -6.32 13.86 12.64
N LEU A 275 -5.89 12.74 12.05
CA LEU A 275 -6.43 12.30 10.77
C LEU A 275 -7.91 11.98 10.87
N LEU A 276 -8.37 11.48 12.03
CA LEU A 276 -9.79 11.19 12.18
C LEU A 276 -10.65 12.45 12.13
N LYS A 277 -10.21 13.51 12.81
CA LYS A 277 -10.90 14.80 12.72
C LYS A 277 -10.88 15.31 11.28
N GLU A 278 -9.74 15.27 10.63
CA GLU A 278 -9.68 15.75 9.25
C GLU A 278 -10.62 14.96 8.42
N LEU A 279 -10.69 13.67 8.67
CA LEU A 279 -11.56 12.86 7.89
C LEU A 279 -12.99 13.25 8.09
N LYS A 280 -13.39 13.44 9.34
CA LYS A 280 -14.79 13.74 9.62
C LYS A 280 -15.22 15.01 8.98
N GLY A 281 -14.37 16.03 9.03
CA GLY A 281 -14.72 17.28 8.40
C GLY A 281 -14.87 17.08 6.91
N LEU A 282 -13.95 16.34 6.31
CA LEU A 282 -14.08 16.09 4.91
C LEU A 282 -15.30 15.25 4.64
N SER A 283 -15.49 14.23 5.47
CA SER A 283 -16.49 13.20 5.19
C SER A 283 -17.89 13.69 4.97
N CYS A 284 -18.30 14.68 5.73
CA CYS A 284 -19.62 15.22 5.54
C CYS A 284 -19.81 15.69 4.09
N LEU A 285 -18.76 16.30 3.50
CA LEU A 285 -18.85 16.87 2.13
C LEU A 285 -20.06 17.80 2.04
N VAL A 286 -20.89 17.65 1.01
CA VAL A 286 -22.10 18.50 0.81
C VAL A 286 -23.02 17.84 -0.22
N GLN A 289 -24.12 14.18 9.11
CA GLN A 289 -24.05 12.90 9.78
C GLN A 289 -24.86 11.84 9.04
N ASP A 290 -25.20 12.13 7.80
CA ASP A 290 -25.93 11.16 6.99
C ASP A 290 -25.09 9.93 6.68
N ASP A 291 -23.78 10.10 6.53
CA ASP A 291 -22.90 8.98 6.26
C ASP A 291 -22.53 8.28 7.56
N PRO A 292 -22.35 6.95 7.53
CA PRO A 292 -21.87 6.24 8.72
C PRO A 292 -20.41 6.52 9.04
N LEU A 293 -19.70 7.22 8.17
CA LEU A 293 -18.32 7.60 8.45
C LEU A 293 -18.23 8.44 9.72
N THR A 294 -19.28 9.18 10.06
CA THR A 294 -19.30 9.91 11.32
C THR A 294 -19.22 8.95 12.50
N LYS A 295 -20.08 7.93 12.53
CA LYS A 295 -20.08 6.99 13.64
C LYS A 295 -18.79 6.18 13.68
N GLY A 296 -18.28 5.76 12.52
CA GLY A 296 -17.03 5.01 12.49
C GLY A 296 -15.85 5.83 12.97
N VAL A 297 -15.79 7.10 12.54
CA VAL A 297 -14.72 7.98 13.00
C VAL A 297 -14.85 8.24 14.49
N ASP A 298 -16.07 8.38 15.00
CA ASP A 298 -16.26 8.57 16.44
C ASP A 298 -15.78 7.35 17.23
N LEU A 299 -16.08 6.15 16.72
CA LEU A 299 -15.63 4.94 17.40
C LEU A 299 -14.10 4.82 17.38
N ARG A 300 -13.50 5.03 16.20
CA ARG A 300 -12.04 5.01 16.09
C ARG A 300 -11.41 6.06 17.00
N ASN A 301 -12.05 7.22 17.14
CA ASN A 301 -11.49 8.27 17.97
C ASN A 301 -11.57 7.92 19.45
N ALA A 302 -12.70 7.34 19.88
CA ALA A 302 -12.79 6.83 21.24
C ALA A 302 -11.71 5.80 21.52
N GLN A 303 -11.45 4.92 20.55
CA GLN A 303 -10.45 3.88 20.76
C GLN A 303 -9.04 4.45 20.84
N VAL A 304 -8.69 5.36 19.93
CA VAL A 304 -7.36 5.95 19.97
C VAL A 304 -7.17 6.78 21.24
N THR A 305 -8.24 7.43 21.72
CA THR A 305 -8.14 8.19 22.96
C THR A 305 -7.95 7.27 24.15
N GLU A 306 -8.65 6.12 24.16
CA GLU A 306 -8.43 5.13 25.20
C GLU A 306 -6.98 4.67 25.23
N LEU A 307 -6.41 4.36 24.06
CA LEU A 307 -5.03 3.91 24.03
C LEU A 307 -4.07 5.01 24.46
N LEU A 308 -4.33 6.26 24.03
CA LEU A 308 -3.48 7.37 24.41
C LEU A 308 -3.49 7.59 25.92
N GLN A 309 -4.67 7.52 26.54
CA GLN A 309 -4.74 7.65 27.99
C GLN A 309 -4.05 6.50 28.69
N ARG A 310 -4.22 5.28 28.18
CA ARG A 310 -3.56 4.12 28.76
C ARG A 310 -2.04 4.25 28.71
N LEU A 311 -1.51 4.88 27.66
CA LEU A 311 -0.08 5.07 27.58
C LEU A 311 0.40 6.22 28.48
N LEU A 312 -0.29 7.36 28.40
CA LEU A 312 0.13 8.53 29.19
C LEU A 312 0.00 8.24 30.69
N HIS A 313 -0.83 7.29 31.07
CA HIS A 313 -0.97 6.93 32.47
C HIS A 313 0.37 6.55 33.08
N ARG A 314 1.11 5.67 32.41
CA ARG A 314 2.39 5.21 32.89
C ARG A 314 3.57 5.94 32.27
N ALA A 315 3.33 6.89 31.37
CA ALA A 315 4.46 7.62 30.79
C ALA A 315 5.15 8.54 31.80
N PHE A 316 4.54 8.82 32.95
CA PHE A 316 5.12 9.72 33.94
C PHE A 316 5.72 8.87 35.07
N VAL A 317 7.04 8.92 35.19
CA VAL A 317 7.77 8.11 36.15
C VAL A 317 8.83 8.98 36.82
N VAL A 318 9.40 8.44 37.90
CA VAL A 318 10.49 9.09 38.62
C VAL A 318 11.80 8.59 38.03
N GLU A 319 12.49 9.44 37.28
CA GLU A 319 13.74 9.04 36.64
C GLU A 319 14.84 8.83 37.68
N THR A 320 14.97 9.75 38.62
CA THR A 320 16.00 9.67 39.66
C THR A 320 15.32 9.77 41.02
N GLN A 321 15.46 8.72 41.83
CA GLN A 321 14.84 8.66 43.14
C GLN A 321 15.42 9.75 44.05
N PRO A 322 14.66 10.19 45.05
CA PRO A 322 15.14 11.26 45.93
C PRO A 322 16.37 10.83 46.72
N CYS A 323 17.40 11.67 46.68
CA CYS A 323 18.68 11.36 47.30
C CYS A 323 19.35 12.64 47.74
N MET A 324 19.77 12.69 49.00
CA MET A 324 20.49 13.84 49.50
C MET A 324 21.83 13.98 48.77
N PRO A 325 22.21 15.19 48.33
CA PRO A 325 23.50 15.34 47.66
C PRO A 325 24.69 15.12 48.57
N GLN A 326 24.52 15.26 49.89
CA GLN A 326 25.61 14.96 50.81
C GLN A 326 26.00 13.49 50.76
N THR A 327 25.04 12.60 50.53
CA THR A 327 25.27 11.16 50.49
C THR A 327 24.75 10.61 49.16
N PRO A 328 25.52 10.75 48.09
CA PRO A 328 25.09 10.19 46.80
C PRO A 328 25.00 8.68 46.83
N HIS A 329 25.75 8.01 47.71
CA HIS A 329 25.84 6.56 47.67
C HIS A 329 24.58 5.89 48.18
N ARG A 330 23.80 6.59 49.00
CA ARG A 330 22.64 6.01 49.69
C ARG A 330 21.40 6.85 49.43
N PRO A 331 20.58 6.48 48.47
CA PRO A 331 19.30 7.17 48.24
C PRO A 331 18.25 6.77 49.25
N LEU A 332 17.10 7.45 49.17
CA LEU A 332 15.89 7.16 49.94
C LEU A 332 16.09 7.29 51.45
N ILE A 333 17.13 8.01 51.88
CA ILE A 333 17.27 8.41 53.27
C ILE A 333 17.37 9.93 53.29
N LEU A 334 16.49 10.57 54.04
CA LEU A 334 16.36 12.02 54.00
C LEU A 334 16.35 12.58 55.40
N LYS A 335 17.25 13.54 55.66
CA LYS A 335 17.29 14.24 56.93
C LYS A 335 16.40 15.47 56.87
N THR A 336 15.64 15.69 57.94
CA THR A 336 14.82 16.89 58.03
C THR A 336 15.69 18.14 57.99
N GLY A 337 15.31 19.10 57.16
CA GLY A 337 16.06 20.32 56.97
C GLY A 337 17.07 20.28 55.84
N SER A 338 17.62 19.12 55.55
CA SER A 338 18.56 18.98 54.43
C SER A 338 17.80 18.87 53.12
N LYS A 339 18.23 19.64 52.13
CA LYS A 339 17.62 19.54 50.81
C LYS A 339 18.03 18.25 50.12
N PHE A 340 17.20 17.83 49.16
CA PHE A 340 17.49 16.62 48.40
C PHE A 340 17.15 16.85 46.94
N THR A 341 17.39 15.83 46.12
CA THR A 341 17.28 15.92 44.67
C THR A 341 16.45 14.76 44.16
N VAL A 342 15.27 15.07 43.62
CA VAL A 342 14.45 14.09 42.91
C VAL A 342 14.45 14.47 41.44
N ARG A 343 14.00 13.55 40.59
CA ARG A 343 13.89 13.86 39.17
C ARG A 343 12.79 13.02 38.54
N THR A 344 11.76 13.68 38.03
CA THR A 344 10.70 13.02 37.29
C THR A 344 10.88 13.27 35.80
N ARG A 345 10.48 12.29 34.99
CA ARG A 345 10.58 12.38 33.54
C ARG A 345 9.28 11.91 32.90
N LEU A 346 8.87 12.60 31.84
CA LEU A 346 7.73 12.20 31.03
C LEU A 346 8.26 11.55 29.76
N LEU A 347 8.05 10.24 29.64
CA LEU A 347 8.61 9.48 28.52
C LEU A 347 8.01 9.89 27.18
N VAL A 348 6.86 10.55 27.19
CA VAL A 348 6.25 11.07 25.96
C VAL A 348 6.80 12.48 25.76
N ARG A 349 7.86 12.57 24.95
CA ARG A 349 8.54 13.84 24.70
C ARG A 349 7.75 14.70 23.71
N LEU A 350 6.51 15.00 24.09
CA LEU A 350 5.59 15.80 23.29
C LEU A 350 5.10 16.95 24.16
N GLN A 351 5.44 18.18 23.79
CA GLN A 351 5.06 19.35 24.56
C GLN A 351 4.61 20.47 23.63
N GLU A 352 3.48 21.08 23.94
CA GLU A 352 3.01 22.24 23.20
C GLU A 352 4.00 23.38 23.35
N GLY A 353 4.41 23.96 22.22
CA GLY A 353 5.43 25.01 22.23
C GLY A 353 4.98 26.34 22.80
N ASN A 354 3.74 26.45 23.26
CA ASN A 354 3.22 27.72 23.77
C ASN A 354 2.90 27.71 25.25
N GLU A 355 2.84 26.54 25.89
CA GLU A 355 2.49 26.45 27.29
C GLU A 355 3.49 25.58 28.04
N SER A 356 3.85 26.01 29.25
CA SER A 356 4.77 25.26 30.09
C SER A 356 4.03 24.19 30.88
N LEU A 357 4.79 23.24 31.40
CA LEU A 357 4.25 22.13 32.18
C LEU A 357 4.78 22.19 33.60
N THR A 358 3.89 22.14 34.58
CA THR A 358 4.25 22.29 35.98
C THR A 358 3.95 21.01 36.75
N VAL A 359 4.93 20.52 37.50
CA VAL A 359 4.79 19.34 38.35
C VAL A 359 4.66 19.80 39.79
N GLU A 360 3.68 19.24 40.51
CA GLU A 360 3.41 19.56 41.90
C GLU A 360 3.76 18.36 42.78
N VAL A 361 4.38 18.63 43.94
CA VAL A 361 4.91 17.61 44.83
C VAL A 361 4.06 17.56 46.10
N SER A 362 3.85 16.35 46.59
CA SER A 362 3.19 16.13 47.87
C SER A 362 3.88 14.98 48.59
N ILE A 363 3.71 14.95 49.91
CA ILE A 363 4.31 13.91 50.76
C ILE A 363 3.19 13.22 51.53
N ASP A 364 3.15 11.89 51.41
CA ASP A 364 2.15 11.06 52.10
C ASP A 364 0.73 11.48 51.70
N ARG A 365 0.36 11.12 50.48
CA ARG A 365 -1.00 11.34 50.02
C ARG A 365 -1.98 10.42 50.76
N ASN A 366 -1.58 9.18 51.01
CA ASN A 366 -2.37 8.21 51.78
C ASN A 366 -1.53 7.72 52.94
N PRO A 367 -1.46 8.50 53.97
CA PRO A 367 -0.74 8.17 55.18
C PRO A 367 -1.51 7.13 55.89
N PRO A 368 -0.82 6.24 56.60
CA PRO A 368 -1.53 5.18 57.30
C PRO A 368 -2.42 5.79 58.34
N GLN A 369 -3.61 5.26 58.50
CA GLN A 369 -4.52 5.83 59.48
C GLN A 369 -4.37 5.17 60.82
N GLN A 371 -1.53 6.00 62.99
CA GLN A 371 -1.08 4.88 63.79
C GLN A 371 0.20 5.25 64.47
N GLY A 372 0.37 6.53 64.74
CA GLY A 372 1.61 7.02 65.30
C GLY A 372 2.58 7.41 64.22
N PHE A 373 2.11 7.41 63.00
CA PHE A 373 2.89 7.75 61.86
C PHE A 373 3.12 9.23 61.83
N ARG A 374 4.35 9.64 61.86
CA ARG A 374 4.68 11.05 61.93
C ARG A 374 4.27 11.78 60.65
N LYS A 375 3.78 13.00 60.81
CA LYS A 375 3.41 13.84 59.67
C LYS A 375 4.60 14.70 59.25
N PHE A 376 4.67 14.98 57.96
CA PHE A 376 5.79 15.71 57.38
C PHE A 376 5.30 16.59 56.24
N ASN A 377 5.76 17.82 56.28
CA ASN A 377 5.38 18.81 55.32
C ASN A 377 6.60 19.27 54.59
N ILE A 378 6.36 20.03 53.51
CA ILE A 378 7.46 20.49 52.62
C ILE A 378 7.74 21.98 52.85
N LEU A 379 9.00 22.29 53.15
CA LEU A 379 9.45 23.70 53.27
C LEU A 379 9.74 24.21 51.85
N THR A 380 9.84 25.53 51.67
CA THR A 380 10.09 26.12 50.33
C THR A 380 8.95 25.77 49.37
N SER A 381 9.26 25.26 48.16
CA SER A 381 8.19 25.05 47.15
C SER A 381 7.94 23.59 46.77
N ASN A 382 6.76 23.35 46.20
CA ASN A 382 6.31 22.08 45.73
C ASN A 382 5.97 22.12 44.28
N GLN A 383 6.75 22.84 43.49
CA GLN A 383 6.49 22.95 42.07
C GLN A 383 7.79 23.03 41.28
N LYS A 384 7.75 22.46 40.07
CA LYS A 384 8.79 22.68 39.07
C LYS A 384 8.13 22.96 37.74
N THR A 385 8.45 24.10 37.13
CA THR A 385 7.87 24.51 35.87
C THR A 385 8.89 24.33 34.74
N LEU A 386 8.43 23.79 33.62
CA LEU A 386 9.26 23.46 32.47
C LEU A 386 8.69 24.19 31.26
N THR A 387 9.44 25.18 30.77
CA THR A 387 9.05 25.91 29.58
C THR A 387 9.31 25.05 28.34
N PRO A 388 8.54 25.27 27.27
CA PRO A 388 8.71 24.43 26.07
C PRO A 388 10.11 24.45 25.50
N GLU A 389 10.82 25.58 25.58
CA GLU A 389 12.20 25.63 25.08
C GLU A 389 13.09 24.68 25.87
N LYS A 390 13.03 24.77 27.20
CA LYS A 390 13.79 23.84 28.04
C LYS A 390 13.34 22.41 27.82
N GLY A 391 12.04 22.20 27.63
CA GLY A 391 11.55 20.87 27.33
C GLY A 391 12.10 20.30 26.04
N GLN A 392 12.37 21.16 25.06
CA GLN A 392 13.03 20.69 23.84
C GLN A 392 14.51 20.43 24.07
N SER A 393 15.15 21.27 24.90
CA SER A 393 16.59 21.16 25.09
C SER A 393 16.96 19.92 25.90
N GLN A 394 16.22 19.63 26.96
CA GLN A 394 16.58 18.57 27.89
C GLN A 394 15.56 17.44 27.98
N GLY A 395 14.51 17.46 27.18
CA GLY A 395 13.43 16.51 27.34
C GLY A 395 12.51 16.89 28.50
N LEU A 396 11.33 16.29 28.48
CA LEU A 396 10.29 16.60 29.47
C LEU A 396 10.72 16.04 30.83
N ILE A 397 11.54 16.81 31.53
CA ILE A 397 12.12 16.40 32.80
C ILE A 397 11.95 17.52 33.80
N TRP A 398 11.58 17.16 35.02
CA TRP A 398 11.49 18.09 36.15
C TRP A 398 12.45 17.60 37.22
N ASP A 399 13.57 18.33 37.39
CA ASP A 399 14.60 17.97 38.35
C ASP A 399 14.46 18.85 39.58
N PHE A 400 13.99 18.27 40.68
CA PHE A 400 13.77 18.99 41.92
C PHE A 400 15.05 18.99 42.74
N GLY A 401 15.70 20.15 42.81
CA GLY A 401 16.67 20.43 43.84
C GLY A 401 16.06 21.33 44.90
N TYR A 402 16.85 21.61 45.94
CA TYR A 402 16.45 22.56 46.98
C TYR A 402 15.10 22.20 47.60
N LEU A 403 14.73 20.93 47.52
CA LEU A 403 13.52 20.42 48.17
C LEU A 403 13.87 20.03 49.60
N THR A 404 13.31 20.74 50.57
CA THR A 404 13.56 20.44 51.97
C THR A 404 12.29 19.94 52.64
N LEU A 405 12.47 19.16 53.69
CA LEU A 405 11.39 18.51 54.40
C LEU A 405 11.42 18.91 55.87
N VAL A 406 10.25 19.01 56.50
CA VAL A 406 10.15 19.50 57.87
C VAL A 406 8.97 18.84 58.54
N GLU A 407 9.14 18.44 59.81
CA GLU A 407 8.10 17.70 60.51
C GLU A 407 7.01 18.63 61.00
N GLN A 408 5.78 18.14 60.98
CA GLN A 408 4.65 18.86 61.58
C GLN A 408 4.77 18.81 63.09
N ARG A 409 5.03 19.95 63.71
CA ARG A 409 5.06 20.03 65.17
C ARG A 409 3.67 19.75 65.73
N SER A 410 3.56 18.64 66.46
CA SER A 410 2.27 18.21 67.00
C SER A 410 2.49 17.21 68.13
N GLY A 420 4.67 4.46 67.85
CA GLY A 420 4.28 3.06 67.93
C GLY A 420 5.46 2.12 68.12
N PRO A 421 5.26 0.84 67.80
CA PRO A 421 6.36 -0.13 67.95
C PRO A 421 7.47 0.04 66.92
N LEU A 422 7.17 0.64 65.76
CA LEU A 422 8.18 0.83 64.74
C LEU A 422 9.10 1.99 65.09
N GLY A 423 10.39 1.80 64.85
CA GLY A 423 11.36 2.83 65.11
C GLY A 423 11.26 3.98 64.12
N VAL A 424 12.08 5.00 64.37
CA VAL A 424 12.07 6.19 63.51
C VAL A 424 12.54 5.84 62.11
N THR A 425 13.48 4.91 62.00
CA THR A 425 14.00 4.49 60.69
C THR A 425 13.21 3.33 60.10
N GLU A 426 12.17 2.85 60.78
CA GLU A 426 11.38 1.72 60.30
C GLU A 426 10.05 2.16 59.69
N GLU A 427 9.72 3.44 59.74
CA GLU A 427 8.53 3.95 59.08
C GLU A 427 8.90 4.53 57.71
N LEU A 428 7.98 4.39 56.77
CA LEU A 428 8.24 4.70 55.37
C LEU A 428 7.31 5.79 54.88
N HIS A 429 7.85 6.70 54.06
CA HIS A 429 7.08 7.78 53.48
C HIS A 429 7.19 7.72 51.96
N ILE A 430 6.14 8.20 51.29
CA ILE A 430 6.02 8.13 49.84
C ILE A 430 5.80 9.54 49.30
N ILE A 431 6.66 9.98 48.39
CA ILE A 431 6.60 11.30 47.80
C ILE A 431 5.94 11.18 46.42
N SER A 432 4.85 11.92 46.22
CA SER A 432 4.07 11.85 45.00
C SER A 432 4.21 13.13 44.18
N PHE A 433 3.96 12.99 42.87
CA PHE A 433 4.07 14.05 41.89
C PHE A 433 2.85 14.01 40.99
N THR A 434 2.36 15.19 40.62
CA THR A 434 1.18 15.35 39.78
C THR A 434 1.46 16.37 38.68
N VAL A 435 1.03 16.04 37.45
CA VAL A 435 1.12 16.94 36.31
C VAL A 435 -0.25 17.04 35.65
N LYS A 436 -0.53 18.21 35.09
CA LYS A 436 -1.66 18.40 34.18
C LYS A 436 -1.08 18.48 32.77
N TYR A 437 -0.98 17.32 32.11
CA TYR A 437 -0.39 17.26 30.78
C TYR A 437 -1.43 17.58 29.72
N THR A 438 -0.99 18.26 28.66
CA THR A 438 -1.86 18.69 27.59
C THR A 438 -1.07 18.69 26.29
N TYR A 439 -1.66 18.09 25.25
CA TYR A 439 -1.04 18.08 23.92
C TYR A 439 -2.11 17.87 22.87
N GLN A 440 -2.13 18.75 21.85
CA GLN A 440 -3.07 18.68 20.75
C GLN A 440 -4.51 18.53 21.25
N GLY A 441 -4.85 19.37 22.24
CA GLY A 441 -6.18 19.38 22.81
C GLY A 441 -6.47 18.31 23.83
N LEU A 442 -5.65 17.26 23.91
CA LEU A 442 -5.87 16.19 24.86
C LEU A 442 -5.28 16.57 26.21
N LYS A 443 -6.08 16.50 27.26
CA LYS A 443 -5.67 16.84 28.61
C LYS A 443 -5.81 15.61 29.51
N GLN A 444 -4.87 15.46 30.45
CA GLN A 444 -4.96 14.37 31.41
C GLN A 444 -4.04 14.65 32.58
N GLU A 445 -4.45 14.18 33.76
CA GLU A 445 -3.68 14.34 34.99
C GLU A 445 -2.83 13.09 35.21
N LEU A 446 -1.51 13.25 35.17
CA LEU A 446 -0.57 12.15 35.34
C LEU A 446 0.01 12.19 36.75
N LYS A 447 -0.05 11.05 37.45
CA LYS A 447 0.39 10.96 38.83
C LYS A 447 1.40 9.82 38.98
N THR A 448 2.46 10.07 39.73
CA THR A 448 3.42 9.00 40.02
C THR A 448 4.15 9.32 41.32
N ASP A 449 4.57 8.27 42.02
CA ASP A 449 5.24 8.46 43.30
C ASP A 449 6.52 7.65 43.34
N THR A 450 7.42 8.07 44.22
CA THR A 450 8.75 7.48 44.33
C THR A 450 8.71 6.19 45.13
N LEU A 451 9.86 5.53 45.22
CA LEU A 451 10.04 4.46 46.17
C LEU A 451 9.87 5.00 47.58
N PRO A 452 9.43 4.18 48.53
CA PRO A 452 9.25 4.67 49.90
C PRO A 452 10.56 5.16 50.49
N VAL A 453 10.44 6.12 51.42
CA VAL A 453 11.59 6.83 51.96
C VAL A 453 11.55 6.78 53.48
N VAL A 454 12.71 6.95 54.09
CA VAL A 454 12.84 7.03 55.54
C VAL A 454 13.44 8.38 55.89
N ILE A 455 12.92 9.00 56.95
CA ILE A 455 13.30 10.35 57.34
C ILE A 455 14.00 10.28 58.69
N ILE A 456 15.24 10.77 58.74
CA ILE A 456 16.06 10.70 59.93
C ILE A 456 16.15 12.07 60.57
N SER A 457 16.43 12.09 61.88
CA SER A 457 16.64 13.33 62.61
C SER A 457 18.10 13.73 62.66
N ASN A 458 19.01 12.77 62.69
CA ASN A 458 20.44 13.03 62.75
C ASN A 458 21.16 12.08 61.81
N MET A 459 22.34 12.50 61.36
CA MET A 459 23.13 11.68 60.45
C MET A 459 23.61 10.39 61.09
N ASN A 460 23.62 10.32 62.43
CA ASN A 460 24.02 9.10 63.13
C ASN A 460 23.07 7.94 62.86
N GLN A 461 21.93 8.18 62.22
CA GLN A 461 21.02 7.11 61.82
C GLN A 461 21.28 6.63 60.40
N LEU A 462 22.01 7.42 59.60
CA LEU A 462 22.29 7.16 58.20
C LEU A 462 22.65 5.69 57.95
N SER A 463 23.47 5.12 58.84
CA SER A 463 23.84 3.72 58.70
C SER A 463 22.64 2.81 58.87
N ILE A 464 22.02 2.83 60.06
CA ILE A 464 20.97 1.87 60.36
C ILE A 464 19.77 2.08 59.45
N ALA A 465 19.45 3.34 59.15
CA ALA A 465 18.35 3.63 58.23
C ALA A 465 18.58 2.99 56.86
N TRP A 466 19.85 2.88 56.43
CA TRP A 466 20.12 2.23 55.16
C TRP A 466 19.72 0.77 55.18
N ALA A 467 19.88 0.10 56.34
CA ALA A 467 19.41 -1.27 56.46
C ALA A 467 17.91 -1.38 56.22
N SER A 468 17.17 -0.30 56.45
CA SER A 468 15.75 -0.29 56.15
C SER A 468 15.50 -0.22 54.65
N VAL A 469 16.34 0.51 53.91
CA VAL A 469 16.16 0.61 52.47
C VAL A 469 16.37 -0.74 51.81
N LEU A 470 17.56 -1.32 51.98
CA LEU A 470 17.89 -2.63 51.44
C LEU A 470 16.76 -3.62 51.65
N TRP A 471 16.45 -3.90 52.92
CA TRP A 471 15.44 -4.90 53.27
C TRP A 471 14.14 -4.69 52.53
N PHE A 472 13.77 -3.44 52.25
CA PHE A 472 12.58 -3.21 51.44
C PHE A 472 12.86 -3.50 49.97
N ASN A 473 13.82 -2.80 49.39
CA ASN A 473 14.07 -2.90 47.96
C ASN A 473 14.62 -4.24 47.54
N LEU A 474 14.88 -5.13 48.49
CA LEU A 474 15.31 -6.49 48.19
C LEU A 474 14.21 -7.52 48.37
N LEU A 475 13.21 -7.16 49.13
CA LEU A 475 12.16 -8.07 49.43
C LEU A 475 10.74 -7.59 49.33
N SER A 476 10.47 -6.29 49.29
CA SER A 476 9.08 -5.84 49.22
C SER A 476 8.45 -6.07 47.91
N PRO A 477 7.42 -6.87 47.90
CA PRO A 477 6.73 -7.13 46.66
C PRO A 477 5.97 -5.93 46.20
N ASN A 478 5.30 -5.35 47.15
CA ASN A 478 4.40 -4.28 46.96
C ASN A 478 5.17 -3.10 47.37
N LEU A 479 5.20 -2.09 46.52
CA LEU A 479 5.94 -0.88 46.78
C LEU A 479 5.13 0.20 47.37
N GLN A 480 3.90 -0.12 47.68
CA GLN A 480 3.05 0.86 48.25
C GLN A 480 2.81 0.47 49.66
N ASN A 481 3.70 -0.33 50.20
CA ASN A 481 3.60 -0.81 51.57
C ASN A 481 4.37 -0.10 52.60
N GLN A 482 3.80 0.88 53.21
CA GLN A 482 4.49 1.60 54.28
C GLN A 482 4.50 0.83 55.59
N GLN A 483 3.61 -0.14 55.75
CA GLN A 483 3.59 -1.03 56.92
C GLN A 483 4.50 -2.23 56.71
N PHE A 484 5.69 -2.01 56.16
CA PHE A 484 6.58 -3.11 55.79
C PHE A 484 7.27 -3.72 57.00
N PHE A 485 7.73 -2.89 57.93
CA PHE A 485 8.46 -3.37 59.09
C PHE A 485 7.57 -3.74 60.26
N SER A 486 6.26 -3.51 60.16
CA SER A 486 5.34 -4.05 61.16
C SER A 486 5.30 -5.57 61.11
N ASN A 487 5.67 -6.17 59.98
CA ASN A 487 5.80 -7.62 59.85
C ASN A 487 6.82 -7.90 58.76
N PRO A 488 8.11 -7.70 59.05
CA PRO A 488 9.14 -7.79 58.01
C PRO A 488 9.40 -9.23 57.61
N PRO A 489 9.54 -9.50 56.32
CA PRO A 489 9.90 -10.84 55.87
C PRO A 489 11.38 -11.10 56.04
N LYS A 490 11.74 -12.38 55.93
CA LYS A 490 13.13 -12.79 56.01
C LYS A 490 13.80 -12.71 54.65
N ALA A 491 15.07 -12.33 54.64
CA ALA A 491 15.82 -12.20 53.40
C ALA A 491 16.55 -13.50 53.10
N PRO A 492 16.29 -14.15 51.97
CA PRO A 492 17.08 -15.34 51.62
C PRO A 492 18.51 -14.97 51.32
N TRP A 493 19.40 -15.94 51.51
CA TRP A 493 20.81 -15.68 51.26
C TRP A 493 21.10 -15.48 49.78
N SER A 494 20.34 -16.14 48.90
CA SER A 494 20.54 -15.96 47.47
C SER A 494 20.30 -14.52 47.04
N LEU A 495 19.49 -13.77 47.80
CA LEU A 495 19.28 -12.36 47.51
C LEU A 495 20.17 -11.47 48.36
N LEU A 496 20.35 -11.81 49.63
CA LEU A 496 21.07 -10.94 50.55
C LEU A 496 22.56 -10.93 50.26
N GLY A 497 23.14 -12.08 49.94
CA GLY A 497 24.56 -12.18 49.65
C GLY A 497 25.01 -11.28 48.52
N PRO A 498 24.40 -11.44 47.35
CA PRO A 498 24.71 -10.52 46.24
C PRO A 498 24.50 -9.06 46.59
N ALA A 499 23.54 -8.72 47.46
CA ALA A 499 23.36 -7.33 47.85
C ALA A 499 24.52 -6.84 48.72
N LEU A 500 24.95 -7.67 49.67
CA LEU A 500 26.14 -7.33 50.45
C LEU A 500 27.36 -7.18 49.55
N SER A 501 27.42 -7.93 48.46
CA SER A 501 28.48 -7.74 47.48
C SER A 501 28.31 -6.41 46.75
N TRP A 502 27.07 -6.08 46.36
CA TRP A 502 26.78 -4.85 45.63
C TRP A 502 27.22 -3.63 46.43
N GLN A 503 27.01 -3.66 47.74
CA GLN A 503 27.40 -2.52 48.58
C GLN A 503 28.88 -2.17 48.38
N PHE A 504 29.76 -3.15 48.57
CA PHE A 504 31.19 -2.94 48.36
C PHE A 504 31.48 -2.59 46.90
N SER A 505 30.84 -3.30 45.97
CA SER A 505 31.12 -3.10 44.55
C SER A 505 30.87 -1.66 44.14
N SER A 506 29.75 -1.08 44.58
CA SER A 506 29.46 0.30 44.24
C SER A 506 30.35 1.26 45.01
N TYR A 507 30.38 1.11 46.34
CA TYR A 507 31.02 2.12 47.18
C TYR A 507 32.53 2.12 47.02
N VAL A 508 33.15 0.95 46.91
CA VAL A 508 34.59 0.83 46.79
C VAL A 508 34.89 -0.01 45.55
N GLY A 509 36.18 -0.10 45.21
CA GLY A 509 36.63 -0.85 44.03
C GLY A 509 36.09 -2.25 43.86
N ARG A 510 36.36 -3.14 44.82
CA ARG A 510 36.07 -4.56 44.68
C ARG A 510 34.76 -4.94 45.38
N GLY A 511 34.17 -6.03 44.89
CA GLY A 511 33.02 -6.63 45.53
C GLY A 511 33.43 -7.73 46.48
N LEU A 512 32.52 -8.69 46.69
CA LEU A 512 32.75 -9.81 47.59
C LEU A 512 32.74 -11.10 46.77
N ASN A 513 33.83 -11.86 46.86
CA ASN A 513 33.95 -13.13 46.17
C ASN A 513 33.30 -14.24 47.01
N SER A 514 33.33 -15.46 46.46
CA SER A 514 32.60 -16.56 47.08
C SER A 514 33.16 -16.93 48.44
N ASP A 515 34.47 -16.75 48.65
CA ASP A 515 35.07 -17.11 49.94
C ASP A 515 34.59 -16.20 51.05
N GLN A 516 34.69 -14.88 50.85
CA GLN A 516 34.23 -13.94 51.87
C GLN A 516 32.73 -14.02 52.07
N LEU A 517 31.98 -14.27 50.99
CA LEU A 517 30.54 -14.42 51.11
C LEU A 517 30.18 -15.67 51.91
N SER A 518 30.90 -16.77 51.70
CA SER A 518 30.67 -17.96 52.50
C SER A 518 31.08 -17.75 53.95
N MET A 519 32.12 -16.96 54.19
CA MET A 519 32.50 -16.61 55.56
C MET A 519 31.37 -15.85 56.24
N LEU A 520 30.80 -14.86 55.56
CA LEU A 520 29.67 -14.12 56.12
C LEU A 520 28.45 -15.02 56.31
N ARG A 521 28.25 -15.98 55.41
CA ARG A 521 27.15 -16.93 55.56
C ARG A 521 27.33 -17.78 56.81
N ASN A 522 28.55 -18.28 57.04
CA ASN A 522 28.82 -19.03 58.27
C ASN A 522 28.65 -18.14 59.50
N LYS A 523 29.02 -16.87 59.40
CA LYS A 523 28.87 -15.96 60.53
C LYS A 523 27.40 -15.68 60.83
N LEU A 524 26.54 -15.70 59.82
CA LEU A 524 25.13 -15.38 60.01
C LEU A 524 24.29 -16.61 60.36
N PHE A 525 24.57 -17.76 59.75
CA PHE A 525 23.76 -18.96 59.94
C PHE A 525 24.48 -20.10 60.63
N GLY A 526 25.80 -20.20 60.47
CA GLY A 526 26.55 -21.28 61.06
C GLY A 526 26.89 -22.36 60.04
N GLN A 527 27.90 -23.18 60.38
CA GLN A 527 28.35 -24.25 59.52
C GLN A 527 27.41 -25.45 59.51
N ASN A 528 26.46 -25.52 60.44
CA ASN A 528 25.57 -26.67 60.54
C ASN A 528 24.39 -26.59 59.58
N CYS A 529 24.07 -25.40 59.09
CA CYS A 529 22.84 -25.16 58.34
C CYS A 529 22.71 -26.09 57.13
N ARG A 530 21.80 -27.05 57.21
CA ARG A 530 21.55 -28.00 56.15
C ARG A 530 20.48 -27.54 55.17
N THR A 531 20.05 -26.28 55.27
CA THR A 531 19.00 -25.75 54.39
C THR A 531 19.66 -24.88 53.33
N GLU A 532 19.39 -25.18 52.07
CA GLU A 532 19.88 -24.35 50.98
C GLU A 532 19.12 -23.03 50.94
N ASP A 533 19.85 -21.94 50.73
CA ASP A 533 19.31 -20.58 50.73
C ASP A 533 18.61 -20.30 52.06
N PRO A 534 19.36 -20.09 53.14
CA PRO A 534 18.72 -19.84 54.43
C PRO A 534 18.07 -18.47 54.49
N LEU A 535 17.09 -18.36 55.38
CA LEU A 535 16.36 -17.11 55.59
C LEU A 535 16.89 -16.41 56.83
N LEU A 536 17.29 -15.16 56.67
CA LEU A 536 17.81 -14.36 57.77
C LEU A 536 16.72 -13.41 58.26
N SER A 537 16.46 -13.45 59.58
CA SER A 537 15.45 -12.58 60.17
C SER A 537 15.90 -11.13 60.15
N TRP A 538 14.92 -10.22 60.07
CA TRP A 538 15.23 -8.79 60.14
C TRP A 538 15.81 -8.42 61.49
N ALA A 539 15.34 -9.08 62.57
CA ALA A 539 15.90 -8.82 63.89
C ALA A 539 17.34 -9.33 63.99
N ASP A 540 17.63 -10.48 63.38
CA ASP A 540 18.98 -11.01 63.38
C ASP A 540 19.92 -10.24 62.46
N PHE A 541 19.40 -9.31 61.67
CA PHE A 541 20.22 -8.55 60.74
C PHE A 541 20.57 -7.14 61.25
N THR A 542 19.77 -6.58 62.15
CA THR A 542 19.98 -5.19 62.57
C THR A 542 20.02 -5.03 64.08
N LYS A 543 19.29 -5.88 64.80
CA LYS A 543 19.07 -5.72 66.23
C LYS A 543 19.82 -6.74 67.07
N ARG A 544 19.75 -8.02 66.71
CA ARG A 544 20.53 -9.03 67.40
C ARG A 544 22.01 -8.79 67.17
N GLU A 545 22.81 -8.88 68.23
CA GLU A 545 24.24 -8.65 68.12
C GLU A 545 24.93 -9.83 67.46
N SER A 546 26.05 -9.55 66.79
CA SER A 546 26.88 -10.63 66.27
C SER A 546 27.76 -11.17 67.38
N PRO A 547 27.81 -12.49 67.59
CA PRO A 547 28.38 -13.05 68.83
C PRO A 547 29.79 -12.56 69.13
N PRO A 548 30.74 -12.64 68.18
CA PRO A 548 32.14 -12.34 68.55
C PRO A 548 32.35 -10.91 69.03
N GLY A 549 31.54 -9.96 68.59
CA GLY A 549 31.73 -8.57 68.97
C GLY A 549 30.54 -7.94 69.64
N LYS A 550 30.63 -6.64 69.90
CA LYS A 550 29.53 -5.86 70.48
C LYS A 550 28.80 -5.05 69.43
N LEU A 551 28.45 -5.67 68.30
CA LEU A 551 27.81 -4.97 67.20
C LEU A 551 26.94 -5.95 66.42
N PRO A 552 25.70 -5.58 66.09
CA PRO A 552 24.90 -6.42 65.19
C PRO A 552 25.56 -6.54 63.82
N PHE A 553 25.10 -7.52 63.05
CA PHE A 553 25.79 -7.87 61.80
C PHE A 553 25.86 -6.69 60.85
N TRP A 554 24.73 -6.04 60.58
CA TRP A 554 24.73 -4.97 59.58
C TRP A 554 25.58 -3.79 60.02
N THR A 555 25.47 -3.38 61.29
CA THR A 555 26.27 -2.26 61.75
C THR A 555 27.76 -2.56 61.67
N TRP A 556 28.14 -3.80 61.98
CA TRP A 556 29.54 -4.21 61.90
C TRP A 556 30.04 -4.19 60.46
N LEU A 557 29.27 -4.79 59.55
CA LEU A 557 29.66 -4.78 58.14
C LEU A 557 29.69 -3.36 57.56
N ASP A 558 28.80 -2.49 58.06
CA ASP A 558 28.77 -1.11 57.56
C ASP A 558 29.98 -0.34 58.05
N LYS A 559 30.38 -0.53 59.31
CA LYS A 559 31.61 0.09 59.79
C LYS A 559 32.82 -0.47 59.05
N ILE A 560 32.79 -1.74 58.67
CA ILE A 560 33.86 -2.29 57.85
C ILE A 560 33.91 -1.61 56.48
N LEU A 561 32.74 -1.41 55.88
CA LEU A 561 32.67 -0.70 54.59
C LEU A 561 33.23 0.71 54.71
N GLU A 562 32.87 1.42 55.79
CA GLU A 562 33.38 2.77 56.00
C GLU A 562 34.89 2.75 56.19
N LEU A 563 35.41 1.81 56.98
CA LEU A 563 36.84 1.69 57.19
C LEU A 563 37.57 1.45 55.88
N VAL A 564 37.04 0.54 55.04
CA VAL A 564 37.66 0.25 53.75
C VAL A 564 37.65 1.50 52.87
N HIS A 565 36.52 2.19 52.80
CA HIS A 565 36.43 3.34 51.92
C HIS A 565 37.35 4.48 52.36
N ASP A 566 37.45 4.70 53.67
CA ASP A 566 38.18 5.87 54.17
C ASP A 566 39.67 5.62 54.35
N HIS A 567 40.08 4.38 54.68
CA HIS A 567 41.47 4.12 54.99
C HIS A 567 42.08 2.93 54.27
N LEU A 568 41.29 2.12 53.57
CA LEU A 568 41.81 0.90 52.94
C LEU A 568 41.31 0.73 51.52
N LYS A 569 41.00 1.83 50.83
CA LYS A 569 40.39 1.75 49.50
C LYS A 569 41.33 1.08 48.50
N ASP A 570 42.53 1.63 48.34
CA ASP A 570 43.46 1.07 47.36
C ASP A 570 43.92 -0.33 47.75
N LEU A 571 44.07 -0.59 49.05
CA LEU A 571 44.41 -1.94 49.49
C LEU A 571 43.30 -2.93 49.15
N TRP A 572 42.05 -2.55 49.39
CA TRP A 572 40.95 -3.45 49.09
C TRP A 572 40.77 -3.63 47.59
N ASN A 573 41.13 -2.63 46.79
CA ASN A 573 40.97 -2.74 45.33
C ASN A 573 41.97 -3.72 44.73
N ASP A 574 43.24 -3.65 45.16
CA ASP A 574 44.27 -4.49 44.58
C ASP A 574 44.30 -5.90 45.17
N GLY A 575 43.32 -6.24 46.01
CA GLY A 575 43.23 -7.59 46.54
C GLY A 575 44.26 -7.94 47.58
N ARG A 576 44.87 -6.94 48.23
CA ARG A 576 45.83 -7.20 49.28
C ARG A 576 45.18 -7.58 50.60
N ILE A 577 43.85 -7.63 50.67
CA ILE A 577 43.12 -7.85 51.91
C ILE A 577 42.22 -9.06 51.72
N MET A 578 42.42 -10.10 52.53
CA MET A 578 41.47 -11.19 52.56
C MET A 578 40.14 -10.74 53.16
N GLY A 579 40.20 -9.93 54.21
CA GLY A 579 39.00 -9.32 54.77
C GLY A 579 38.20 -10.20 55.68
N PHE A 580 37.42 -11.11 55.10
CA PHE A 580 36.46 -11.93 55.84
C PHE A 580 36.92 -13.38 55.79
N VAL A 581 37.74 -13.77 56.77
CA VAL A 581 38.13 -15.16 56.97
C VAL A 581 37.84 -15.51 58.43
N SER A 582 37.40 -16.74 58.66
CA SER A 582 37.15 -17.18 60.02
C SER A 582 38.47 -17.47 60.72
N ARG A 583 38.44 -17.41 62.06
CA ARG A 583 39.62 -17.74 62.85
C ARG A 583 40.12 -19.14 62.52
N SER A 584 39.20 -20.09 62.40
CA SER A 584 39.56 -21.46 62.09
C SER A 584 40.12 -21.58 60.68
N GLN A 585 39.47 -20.91 59.72
CA GLN A 585 39.98 -20.93 58.35
C GLN A 585 41.31 -20.21 58.27
N GLU A 586 41.47 -19.14 59.07
CA GLU A 586 42.75 -18.46 59.17
C GLU A 586 43.86 -19.42 59.60
N ARG A 587 43.61 -20.19 60.66
CA ARG A 587 44.60 -21.15 61.11
C ARG A 587 44.85 -22.22 60.05
N ARG A 588 43.79 -22.74 59.43
CA ARG A 588 43.94 -23.78 58.42
C ARG A 588 44.80 -23.31 57.26
N LEU A 589 44.63 -22.06 56.83
CA LEU A 589 45.43 -21.54 55.72
C LEU A 589 46.85 -21.24 56.16
N LEU A 590 47.03 -20.74 57.39
CA LEU A 590 48.35 -20.36 57.86
C LEU A 590 49.15 -21.54 58.41
N LYS A 591 48.58 -22.75 58.44
CA LYS A 591 49.35 -23.91 58.89
C LYS A 591 50.42 -24.29 57.88
N LYS A 592 50.03 -24.44 56.62
CA LYS A 592 50.93 -24.97 55.58
C LYS A 592 51.68 -23.85 54.85
N THR A 593 52.26 -22.92 55.60
CA THR A 593 53.01 -21.82 55.00
C THR A 593 54.24 -21.51 55.85
N MET A 594 55.16 -20.76 55.26
CA MET A 594 56.42 -20.43 55.89
C MET A 594 56.22 -19.41 57.02
N SER A 595 57.09 -19.48 58.01
CA SER A 595 57.07 -18.51 59.10
C SER A 595 57.31 -17.10 58.56
N GLY A 596 56.44 -16.18 58.95
CA GLY A 596 56.46 -14.82 58.42
C GLY A 596 55.32 -14.51 57.47
N THR A 597 54.39 -15.43 57.28
CA THR A 597 53.24 -15.22 56.41
C THR A 597 52.06 -14.70 57.22
N PHE A 598 51.46 -13.61 56.76
CA PHE A 598 50.40 -12.94 57.50
C PHE A 598 49.19 -12.66 56.61
N LEU A 599 48.04 -12.54 57.27
CA LEU A 599 46.77 -12.16 56.67
C LEU A 599 46.32 -10.82 57.24
N LEU A 600 45.51 -10.12 56.45
CA LEU A 600 44.79 -8.92 56.88
C LEU A 600 43.30 -9.24 56.86
N ARG A 601 42.70 -9.39 58.03
CA ARG A 601 41.29 -9.73 58.12
C ARG A 601 40.57 -8.71 59.00
N PHE A 602 39.28 -8.55 58.75
CA PHE A 602 38.49 -7.60 59.51
C PHE A 602 38.10 -8.18 60.86
N SER A 603 38.28 -7.37 61.91
CA SER A 603 38.04 -7.83 63.28
C SER A 603 36.55 -8.01 63.52
N GLU A 604 36.16 -9.21 63.95
CA GLU A 604 34.77 -9.49 64.29
C GLU A 604 34.41 -9.04 65.70
N SER A 605 35.39 -8.69 66.53
CA SER A 605 35.16 -8.27 67.90
C SER A 605 35.11 -6.77 68.09
N SER A 606 36.02 -6.04 67.45
CA SER A 606 36.04 -4.59 67.54
C SER A 606 35.21 -3.97 66.43
N GLU A 607 34.83 -2.71 66.64
CA GLU A 607 33.94 -1.99 65.72
C GLU A 607 34.78 -1.32 64.65
N GLY A 608 34.62 -1.77 63.41
CA GLY A 608 35.34 -1.20 62.28
C GLY A 608 36.84 -1.26 62.42
N GLY A 609 37.38 -2.46 62.58
CA GLY A 609 38.81 -2.64 62.78
C GLY A 609 39.38 -3.71 61.89
N ILE A 610 40.57 -3.43 61.35
CA ILE A 610 41.34 -4.39 60.58
C ILE A 610 42.47 -4.91 61.44
N THR A 611 42.67 -6.23 61.44
CA THR A 611 43.74 -6.85 62.22
C THR A 611 44.64 -7.65 61.28
N CYS A 612 45.90 -7.76 61.70
CA CYS A 612 46.91 -8.50 60.96
C CYS A 612 47.35 -9.70 61.80
N SER A 613 47.50 -10.85 61.15
CA SER A 613 47.83 -12.08 61.86
C SER A 613 48.88 -12.85 61.07
N TRP A 614 50.07 -13.00 61.66
CA TRP A 614 51.14 -13.76 61.03
C TRP A 614 51.42 -15.04 61.80
N VAL A 615 51.80 -16.07 61.06
CA VAL A 615 52.08 -17.39 61.63
C VAL A 615 53.58 -17.57 61.79
N GLU A 616 53.97 -18.30 62.83
CA GLU A 616 55.34 -18.70 63.07
C GLU A 616 55.37 -20.14 63.58
N HIS A 617 56.31 -20.92 63.06
CA HIS A 617 56.60 -22.27 63.54
C HIS A 617 57.87 -22.22 64.39
N GLN A 618 57.72 -22.45 65.70
CA GLN A 618 58.87 -22.45 66.59
C GLN A 618 59.34 -23.84 66.99
N ASP A 619 58.49 -24.86 66.86
CA ASP A 619 58.87 -26.22 67.22
C ASP A 619 58.29 -27.17 66.18
N ASP A 620 58.76 -28.42 66.23
CA ASP A 620 58.32 -29.42 65.26
C ASP A 620 56.81 -29.64 65.33
N ASP A 621 56.21 -29.50 66.51
CA ASP A 621 54.78 -29.69 66.70
C ASP A 621 54.02 -28.37 66.81
N LYS A 622 54.71 -27.25 66.96
CA LYS A 622 54.07 -25.98 67.25
C LYS A 622 53.89 -25.14 66.00
N VAL A 623 52.78 -24.41 65.95
CA VAL A 623 52.56 -23.39 64.93
C VAL A 623 51.85 -22.23 65.62
N LEU A 624 52.60 -21.21 66.01
CA LEU A 624 52.03 -20.06 66.68
C LEU A 624 51.42 -19.11 65.66
N ILE A 625 50.26 -18.58 65.97
CA ILE A 625 49.59 -17.58 65.16
C ILE A 625 49.49 -16.32 66.01
N TYR A 626 50.35 -15.35 65.71
CA TYR A 626 50.28 -14.05 66.33
C TYR A 626 49.27 -13.18 65.60
N SER A 627 48.63 -12.30 66.35
CA SER A 627 47.69 -11.33 65.79
C SER A 627 47.92 -9.98 66.46
N VAL A 628 47.48 -8.94 65.81
CA VAL A 628 47.62 -7.59 66.33
C VAL A 628 46.27 -7.12 66.85
N GLN A 629 46.31 -6.22 67.84
CA GLN A 629 45.08 -5.58 68.28
C GLN A 629 44.51 -4.75 67.13
N PRO A 630 43.23 -4.89 66.82
CA PRO A 630 42.70 -4.33 65.55
C PRO A 630 42.91 -2.82 65.45
N TYR A 631 43.33 -2.38 64.27
CA TYR A 631 43.56 -0.97 63.99
C TYR A 631 42.25 -0.34 63.51
N THR A 632 41.81 0.70 64.22
CA THR A 632 40.58 1.40 63.89
C THR A 632 40.92 2.72 63.22
N LYS A 633 39.91 3.59 63.11
CA LYS A 633 40.14 4.93 62.56
C LYS A 633 41.04 5.76 63.47
N GLU A 634 41.02 5.47 64.77
CA GLU A 634 41.79 6.27 65.73
C GLU A 634 43.29 6.15 65.50
N VAL A 635 43.75 5.11 64.81
CA VAL A 635 45.16 4.90 64.53
C VAL A 635 45.48 5.13 63.06
N LEU A 636 44.57 4.73 62.16
CA LEU A 636 44.83 4.82 60.73
C LEU A 636 44.69 6.23 60.19
N GLN A 637 44.07 7.14 60.93
CA GLN A 637 43.96 8.52 60.47
C GLN A 637 45.32 9.23 60.50
N SER A 638 46.18 8.88 61.45
CA SER A 638 47.49 9.48 61.57
C SER A 638 48.62 8.53 61.16
N LEU A 639 48.30 7.30 60.80
CA LEU A 639 49.31 6.32 60.39
C LEU A 639 48.69 5.26 59.50
N PRO A 640 48.95 5.31 58.19
CA PRO A 640 48.34 4.33 57.28
C PRO A 640 48.81 2.91 57.58
N LEU A 641 48.00 1.94 57.15
CA LEU A 641 48.31 0.55 57.42
C LEU A 641 49.53 0.08 56.64
N THR A 642 49.73 0.62 55.43
CA THR A 642 50.88 0.23 54.62
C THR A 642 52.18 0.60 55.31
N GLU A 643 52.19 1.73 56.03
CA GLU A 643 53.38 2.11 56.78
C GLU A 643 53.59 1.22 58.00
N ILE A 644 52.50 0.73 58.61
CA ILE A 644 52.63 -0.17 59.75
C ILE A 644 53.21 -1.51 59.31
N ILE A 645 52.71 -2.03 58.18
CA ILE A 645 53.28 -3.26 57.64
C ILE A 645 54.72 -3.04 57.20
N ARG A 646 55.00 -1.87 56.62
CA ARG A 646 56.35 -1.54 56.17
C ARG A 646 57.32 -1.53 57.34
N HIS A 647 56.93 -0.91 58.46
CA HIS A 647 57.88 -0.89 59.61
C HIS A 647 57.22 -1.38 60.90
N TYR A 648 56.91 -2.67 61.00
CA TYR A 648 56.34 -3.21 62.26
C TYR A 648 57.42 -3.13 63.34
N GLN A 649 58.66 -3.50 62.98
CA GLN A 649 59.88 -3.44 63.82
C GLN A 649 59.70 -4.10 65.19
N LEU A 650 59.14 -5.31 65.24
CA LEU A 650 58.92 -6.04 66.52
C LEU A 650 60.24 -6.57 67.11
N LEU A 651 60.36 -6.55 68.44
CA LEU A 651 61.54 -7.05 69.14
C LEU A 651 61.62 -8.57 69.05
N PRO A 657 65.65 -6.90 66.69
CA PRO A 657 64.34 -6.37 66.33
C PRO A 657 64.07 -6.44 64.82
N GLU A 658 63.68 -7.61 64.35
CA GLU A 658 63.39 -7.82 62.92
C GLU A 658 61.89 -7.80 62.69
N ASN A 659 61.51 -7.39 61.48
CA ASN A 659 60.11 -7.31 61.10
C ASN A 659 59.51 -8.71 61.01
N PRO A 660 58.51 -9.05 61.81
CA PRO A 660 57.95 -10.42 61.76
C PRO A 660 57.10 -10.66 60.52
N LEU A 661 56.67 -9.61 59.84
CA LEU A 661 55.81 -9.73 58.66
C LEU A 661 56.71 -9.87 57.44
N ARG A 662 57.02 -11.12 57.07
CA ARG A 662 57.97 -11.40 55.99
C ARG A 662 57.30 -11.63 54.64
N PHE A 663 56.15 -12.30 54.61
CA PHE A 663 55.45 -12.58 53.37
C PHE A 663 53.95 -12.37 53.57
N LEU A 664 53.30 -11.78 52.57
CA LEU A 664 51.84 -11.72 52.54
C LEU A 664 51.33 -12.99 51.87
N TYR A 665 50.25 -13.54 52.39
CA TYR A 665 49.72 -14.78 51.85
C TYR A 665 49.33 -14.59 50.39
N PRO A 666 49.59 -15.58 49.52
CA PRO A 666 50.24 -16.85 49.86
C PRO A 666 51.76 -16.74 50.01
N ARG A 667 52.42 -16.12 49.04
CA ARG A 667 53.88 -16.11 48.99
C ARG A 667 54.35 -14.88 48.22
N ILE A 668 54.00 -13.70 48.70
CA ILE A 668 54.40 -12.43 48.10
C ILE A 668 55.26 -11.68 49.11
N PRO A 669 56.45 -11.22 48.73
CA PRO A 669 57.31 -10.51 49.69
C PRO A 669 56.60 -9.30 50.28
N ARG A 670 56.82 -9.06 51.57
CA ARG A 670 56.08 -8.02 52.27
C ARG A 670 56.34 -6.64 51.67
N ASP A 671 57.57 -6.37 51.23
CA ASP A 671 57.89 -5.10 50.60
C ASP A 671 57.46 -5.04 49.14
N GLU A 672 57.08 -6.17 48.53
CA GLU A 672 56.62 -6.18 47.16
C GLU A 672 55.10 -5.99 47.06
N ALA A 673 54.34 -6.62 47.96
CA ALA A 673 52.89 -6.50 47.92
C ALA A 673 52.41 -5.13 48.33
N PHE A 674 53.25 -4.33 48.98
CA PHE A 674 52.86 -3.01 49.46
C PHE A 674 53.85 -1.92 49.05
N GLY A 675 54.78 -2.21 48.15
CA GLY A 675 55.81 -1.24 47.82
C GLY A 675 55.27 -0.01 47.13
N CYS A 676 54.29 -0.18 46.23
CA CYS A 676 53.75 0.94 45.49
C CYS A 676 52.99 1.93 46.36
N TYR A 677 52.52 1.50 47.53
CA TYR A 677 51.82 2.38 48.46
C TYR A 677 52.76 3.07 49.44
N TYR A 678 54.03 2.69 49.47
CA TYR A 678 54.97 3.27 50.42
C TYR A 678 55.31 4.70 50.02
N GLN A 679 55.23 5.62 50.99
CA GLN A 679 55.58 7.01 50.78
C GLN A 679 56.92 7.30 51.42
N GLU A 680 57.72 8.14 50.75
CA GLU A 680 59.05 8.46 51.25
C GLU A 680 58.95 9.35 52.50
N LYS A 681 59.79 9.05 53.48
CA LYS A 681 59.84 9.80 54.74
C LYS A 681 58.47 9.85 55.43
N TYR A 690 53.11 1.50 71.15
CA TYR A 690 53.35 1.07 69.78
C TYR A 690 52.17 0.25 69.28
N LEU A 691 52.05 -0.97 69.78
CA LEU A 691 50.99 -1.89 69.39
C LEU A 691 50.88 -2.98 70.45
N LYS A 692 49.89 -3.85 70.26
CA LYS A 692 49.68 -4.99 71.15
C LYS A 692 49.44 -6.24 70.31
N HIS A 693 49.77 -7.39 70.89
CA HIS A 693 49.71 -8.67 70.19
C HIS A 693 48.87 -9.66 70.99
N ARG A 694 48.46 -10.71 70.28
CA ARG A 694 47.76 -11.84 70.86
C ARG A 694 48.30 -13.11 70.22
N LEU A 695 48.17 -14.22 70.92
CA LEU A 695 48.73 -15.49 70.47
C LEU A 695 47.69 -16.59 70.50
N ILE A 696 47.69 -17.43 69.47
CA ILE A 696 46.92 -18.67 69.47
C ILE A 696 47.81 -19.77 68.90
N VAL A 697 48.06 -20.81 69.70
CA VAL A 697 48.99 -21.87 69.36
C VAL A 697 48.22 -23.03 68.76
N VAL A 698 48.66 -23.50 67.59
CA VAL A 698 48.07 -24.67 66.93
C VAL A 698 49.09 -25.79 66.98
N SER A 699 48.74 -26.89 67.65
CA SER A 699 49.60 -28.06 67.68
C SER A 699 49.48 -28.79 66.36
N ASN A 700 50.63 -29.09 65.75
CA ASN A 700 50.64 -29.68 64.41
C ASN A 700 49.99 -31.05 64.40
N ARG A 701 50.30 -31.90 65.38
CA ARG A 701 49.82 -33.27 65.34
C ARG A 701 48.37 -33.40 65.82
N GLN A 702 47.98 -32.62 66.83
CA GLN A 702 46.58 -32.65 67.26
C GLN A 702 45.66 -32.06 66.20
N VAL A 703 46.19 -31.17 65.35
CA VAL A 703 45.46 -30.74 64.17
C VAL A 703 45.48 -31.82 63.10
N ASP A 704 46.59 -32.53 62.96
CA ASP A 704 46.72 -33.57 61.96
C ASP A 704 45.76 -34.74 62.20
N GLU A 705 45.20 -34.84 63.41
CA GLU A 705 44.24 -35.89 63.71
C GLU A 705 42.91 -35.62 63.01
N PRO B 1 -25.34 -29.22 -34.78
CA PRO B 1 -24.08 -28.92 -35.47
C PRO B 1 -23.88 -29.76 -36.72
N ASN B 2 -23.63 -29.10 -37.85
CA ASN B 2 -23.38 -29.81 -39.11
C ASN B 2 -21.91 -30.18 -39.15
N MET B 3 -21.63 -31.41 -38.70
CA MET B 3 -20.24 -31.87 -38.60
C MET B 3 -19.56 -31.95 -39.96
N LYS B 4 -20.32 -32.11 -41.04
CA LYS B 4 -19.73 -32.16 -42.38
C LYS B 4 -19.08 -30.86 -42.80
N ILE B 5 -19.18 -29.80 -41.98
CA ILE B 5 -18.63 -28.50 -42.32
C ILE B 5 -17.49 -28.10 -41.38
N ILE B 6 -17.63 -28.40 -40.09
CA ILE B 6 -16.65 -27.99 -39.08
C ILE B 6 -15.81 -29.15 -38.58
N GLY B 7 -16.07 -30.37 -39.05
CA GLY B 7 -15.43 -31.53 -38.46
C GLY B 7 -13.93 -31.55 -38.66
N ARG B 8 -13.50 -31.20 -39.87
CA ARG B 8 -12.08 -31.22 -40.27
C ARG B 8 -11.31 -30.17 -39.46
N ARG B 9 -11.90 -28.99 -39.29
CA ARG B 9 -11.29 -27.95 -38.48
C ARG B 9 -11.14 -28.41 -37.03
N ILE B 10 -12.20 -29.00 -36.48
CA ILE B 10 -12.15 -29.52 -35.11
C ILE B 10 -11.04 -30.55 -34.97
N GLU B 11 -10.97 -31.49 -35.91
CA GLU B 11 -9.97 -32.55 -35.83
C GLU B 11 -8.56 -32.02 -36.01
N ARG B 12 -8.39 -30.99 -36.85
CA ARG B 12 -7.06 -30.43 -37.05
C ARG B 12 -6.56 -29.72 -35.81
N ILE B 13 -7.40 -28.87 -35.21
CA ILE B 13 -6.99 -28.22 -33.96
C ILE B 13 -6.98 -29.17 -32.78
N ARG B 14 -7.56 -30.37 -32.94
CA ARG B 14 -7.38 -31.42 -31.94
C ARG B 14 -6.03 -32.10 -32.09
N ASN B 15 -5.64 -32.40 -33.34
CA ASN B 15 -4.33 -33.01 -33.57
C ASN B 15 -3.20 -32.05 -33.26
N GLU B 16 -3.46 -30.73 -33.33
CA GLU B 16 -2.44 -29.76 -32.95
C GLU B 16 -2.09 -29.85 -31.47
N HIS B 17 -3.04 -30.28 -30.63
CA HIS B 17 -2.83 -30.38 -29.19
C HIS B 17 -3.42 -31.71 -28.69
N ALA B 18 -2.95 -32.81 -29.26
CA ALA B 18 -3.50 -34.13 -28.92
C ALA B 18 -2.98 -34.68 -27.60
N GLU B 19 -1.84 -34.16 -27.11
CA GLU B 19 -1.29 -34.68 -25.87
C GLU B 19 -2.17 -34.34 -24.67
N THR B 20 -2.70 -33.12 -24.63
CA THR B 20 -3.57 -32.68 -23.55
C THR B 20 -5.04 -32.66 -23.94
N TRP B 21 -5.39 -33.26 -25.09
CA TRP B 21 -6.77 -33.24 -25.54
C TRP B 21 -7.66 -34.04 -24.58
N PHE B 22 -8.84 -33.48 -24.30
CA PHE B 22 -9.80 -34.13 -23.42
C PHE B 22 -11.16 -33.49 -23.64
N LEU B 23 -12.21 -34.23 -23.28
CA LEU B 23 -13.59 -33.77 -23.42
C LEU B 23 -14.13 -33.48 -22.02
N ASP B 24 -14.19 -32.19 -21.67
CA ASP B 24 -14.70 -31.79 -20.37
C ASP B 24 -16.20 -32.04 -20.29
N GLU B 25 -16.64 -32.53 -19.13
CA GLU B 25 -18.05 -32.73 -18.87
C GLU B 25 -18.64 -31.65 -17.97
N ASN B 26 -17.84 -30.65 -17.60
CA ASN B 26 -18.28 -29.54 -16.75
C ASN B 26 -18.11 -28.21 -17.46
N HIS B 27 -18.46 -28.16 -18.75
CA HIS B 27 -18.36 -26.91 -19.47
C HIS B 27 -19.63 -26.08 -19.29
N PRO B 28 -19.50 -24.76 -19.19
CA PRO B 28 -20.68 -23.93 -18.90
C PRO B 28 -21.43 -23.49 -20.16
N TYR B 29 -21.17 -24.14 -21.29
CA TYR B 29 -21.77 -23.73 -22.56
C TYR B 29 -23.17 -24.33 -22.69
N ARG B 30 -24.17 -23.45 -22.80
CA ARG B 30 -25.57 -23.86 -22.90
C ARG B 30 -26.19 -23.59 -24.26
N THR B 31 -25.73 -22.56 -24.97
CA THR B 31 -26.30 -22.20 -26.26
C THR B 31 -25.37 -22.50 -27.43
N TRP B 32 -24.12 -22.89 -27.17
CA TRP B 32 -23.15 -23.16 -28.21
C TRP B 32 -22.99 -24.68 -28.38
N ALA B 33 -21.85 -25.10 -28.95
CA ALA B 33 -21.57 -26.51 -29.21
C ALA B 33 -20.14 -26.82 -28.77
N TYR B 34 -20.00 -27.64 -27.74
CA TYR B 34 -18.69 -28.00 -27.20
C TYR B 34 -18.14 -29.21 -27.96
N HIS B 35 -16.85 -29.12 -28.33
CA HIS B 35 -16.22 -30.19 -29.09
C HIS B 35 -14.91 -30.68 -28.47
N GLY B 36 -14.50 -30.15 -27.33
CA GLY B 36 -13.25 -30.57 -26.72
C GLY B 36 -12.44 -29.41 -26.18
N SER B 37 -11.29 -29.71 -25.59
CA SER B 37 -10.49 -28.68 -24.94
C SER B 37 -9.04 -29.15 -24.84
N TYR B 38 -8.16 -28.22 -24.45
CA TYR B 38 -6.77 -28.55 -24.24
C TYR B 38 -6.12 -27.47 -23.39
N GLU B 39 -5.15 -27.86 -22.57
CA GLU B 39 -4.45 -26.90 -21.72
C GLU B 39 -3.68 -25.91 -22.57
N ALA B 40 -3.71 -24.64 -22.16
CA ALA B 40 -3.04 -23.55 -22.86
C ALA B 40 -2.46 -22.60 -21.84
N PRO B 41 -1.44 -21.83 -22.22
CA PRO B 41 -0.88 -20.85 -21.27
C PRO B 41 -1.86 -19.73 -20.99
N THR B 42 -1.78 -19.21 -19.77
CA THR B 42 -2.59 -18.07 -19.39
C THR B 42 -2.12 -16.81 -20.12
N GLN B 43 -3.05 -15.89 -20.35
CA GLN B 43 -2.74 -14.67 -21.09
C GLN B 43 -3.57 -13.52 -20.54
N GLY B 44 -3.16 -12.31 -20.89
CA GLY B 44 -3.86 -11.12 -20.47
C GLY B 44 -3.43 -10.65 -19.09
N SER B 45 -4.26 -9.78 -18.52
CA SER B 45 -4.00 -9.21 -17.20
C SER B 45 -5.32 -8.85 -16.55
N ALA B 46 -5.27 -8.62 -15.24
CA ALA B 46 -6.44 -8.15 -14.51
C ALA B 46 -6.72 -6.68 -14.74
N SER B 47 -5.76 -5.94 -15.30
CA SER B 47 -5.92 -4.53 -15.61
C SER B 47 -5.01 -4.18 -16.78
N SER B 48 -5.44 -3.21 -17.58
CA SER B 48 -4.69 -2.82 -18.76
C SER B 48 -3.41 -2.10 -18.38
N LEU B 49 -2.49 -2.00 -19.34
CA LEU B 49 -1.27 -1.25 -19.16
C LEU B 49 -1.56 0.25 -19.28
N VAL B 50 -1.02 1.02 -18.36
CA VAL B 50 -1.29 2.46 -18.26
C VAL B 50 -0.12 3.22 -18.88
N ASN B 51 -0.44 4.20 -19.72
CA ASN B 51 0.59 5.05 -20.31
C ASN B 51 1.19 5.97 -19.25
N GLY B 52 2.51 6.14 -19.32
CA GLY B 52 3.20 6.99 -18.37
C GLY B 52 2.99 8.47 -18.61
N VAL B 53 3.11 8.90 -19.87
CA VAL B 53 2.95 10.30 -20.20
C VAL B 53 1.56 10.81 -19.82
N VAL B 54 0.54 9.99 -20.07
CA VAL B 54 -0.83 10.41 -19.76
C VAL B 54 -1.03 10.51 -18.25
N ARG B 55 -0.58 9.49 -17.50
CA ARG B 55 -0.77 9.50 -16.06
C ARG B 55 -0.01 10.64 -15.39
N LEU B 56 1.18 10.96 -15.89
CA LEU B 56 1.97 12.03 -15.29
C LEU B 56 1.50 13.40 -15.74
N LEU B 57 0.88 13.50 -16.92
CA LEU B 57 0.34 14.77 -17.41
C LEU B 57 -1.13 14.96 -17.06
N SER B 58 -1.79 13.93 -16.55
CA SER B 58 -3.17 14.05 -16.09
C SER B 58 -3.27 13.73 -14.60
N LYS B 59 -2.47 14.43 -13.80
CA LYS B 59 -2.47 14.17 -12.36
C LYS B 59 -3.83 14.36 -11.69
N PRO B 60 -4.61 15.41 -11.99
CA PRO B 60 -5.91 15.55 -11.30
C PRO B 60 -6.87 14.39 -11.56
N TRP B 61 -6.87 13.86 -12.78
CA TRP B 61 -7.84 12.82 -13.12
C TRP B 61 -7.52 11.47 -12.50
N ASP B 62 -6.34 11.32 -11.89
CA ASP B 62 -6.04 10.10 -11.13
C ASP B 62 -7.08 9.83 -10.06
N VAL B 63 -7.82 10.84 -9.64
CA VAL B 63 -8.76 10.70 -8.53
C VAL B 63 -10.16 10.36 -9.02
N VAL B 64 -10.61 10.97 -10.12
CA VAL B 64 -11.94 10.69 -10.64
C VAL B 64 -11.95 9.30 -11.27
N THR B 65 -12.93 8.48 -10.88
CA THR B 65 -13.03 7.10 -11.35
C THR B 65 -13.34 7.02 -12.84
N GLY B 66 -13.75 8.12 -13.48
CA GLY B 66 -14.13 8.08 -14.88
C GLY B 66 -12.99 7.73 -15.81
N VAL B 67 -11.76 8.09 -15.44
CA VAL B 67 -10.60 7.75 -16.25
C VAL B 67 -9.81 6.56 -15.69
N THR B 68 -10.18 6.06 -14.52
CA THR B 68 -9.51 4.91 -13.92
C THR B 68 -10.25 3.60 -14.18
N GLY B 69 -11.56 3.56 -13.92
CA GLY B 69 -12.33 2.34 -14.14
C GLY B 69 -12.34 1.87 -15.58
N ILE B 70 -12.03 2.77 -16.52
CA ILE B 70 -11.99 2.38 -17.93
C ILE B 70 -10.76 1.54 -18.22
N ALA B 71 -9.67 1.74 -17.48
CA ALA B 71 -8.46 0.95 -17.63
C ALA B 71 -8.47 -0.31 -16.77
N MET B 72 -9.53 -0.52 -15.98
CA MET B 72 -9.63 -1.69 -15.11
C MET B 72 -10.29 -2.86 -15.82
N THR B 73 -9.74 -3.24 -16.97
CA THR B 73 -10.26 -4.33 -17.78
C THR B 73 -9.41 -5.57 -17.55
N ASP B 74 -10.05 -6.66 -17.13
CA ASP B 74 -9.36 -7.92 -16.91
C ASP B 74 -9.59 -8.82 -18.12
N THR B 75 -8.54 -9.07 -18.89
CA THR B 75 -8.57 -10.02 -19.99
C THR B 75 -8.12 -11.41 -19.57
N THR B 76 -8.08 -11.68 -18.27
CA THR B 76 -7.75 -13.01 -17.79
C THR B 76 -8.85 -14.00 -18.16
N PRO B 77 -8.51 -15.28 -18.27
CA PRO B 77 -9.53 -16.28 -18.67
C PRO B 77 -10.79 -16.26 -17.81
N TYR B 78 -10.70 -15.90 -16.53
CA TYR B 78 -11.90 -15.80 -15.71
C TYR B 78 -12.82 -14.70 -16.21
N GLY B 79 -12.25 -13.51 -16.48
CA GLY B 79 -13.06 -12.43 -17.01
C GLY B 79 -13.60 -12.72 -18.39
N GLN B 80 -12.79 -13.35 -19.24
CA GLN B 80 -13.26 -13.74 -20.56
C GLN B 80 -14.42 -14.71 -20.47
N GLN B 81 -14.33 -15.70 -19.57
CA GLN B 81 -15.42 -16.66 -19.41
C GLN B 81 -16.66 -16.01 -18.85
N ARG B 82 -16.50 -15.06 -17.93
CA ARG B 82 -17.66 -14.35 -17.39
C ARG B 82 -18.35 -13.53 -18.48
N VAL B 83 -17.58 -12.82 -19.29
CA VAL B 83 -18.15 -12.04 -20.38
C VAL B 83 -18.83 -12.95 -21.39
N PHE B 84 -18.24 -14.12 -21.65
CA PHE B 84 -18.86 -15.06 -22.56
C PHE B 84 -20.20 -15.56 -22.01
N LYS B 85 -20.24 -15.89 -20.72
CA LYS B 85 -21.46 -16.40 -20.13
C LYS B 85 -22.55 -15.35 -20.10
N GLU B 86 -22.18 -14.09 -19.89
CA GLU B 86 -23.18 -13.04 -19.74
C GLU B 86 -23.63 -12.43 -21.08
N LYS B 87 -22.72 -12.30 -22.04
CA LYS B 87 -22.96 -11.54 -23.26
C LYS B 87 -23.12 -12.39 -24.50
N VAL B 88 -22.42 -13.53 -24.59
CA VAL B 88 -22.34 -14.26 -25.85
C VAL B 88 -23.17 -15.54 -25.80
N ASP B 89 -23.24 -16.16 -24.63
CA ASP B 89 -23.90 -17.46 -24.51
C ASP B 89 -25.41 -17.30 -24.43
N THR B 90 -26.00 -16.56 -25.37
CA THR B 90 -27.43 -16.29 -25.39
C THR B 90 -28.06 -16.86 -26.65
N ARG B 91 -29.37 -17.07 -26.58
CA ARG B 91 -30.14 -17.66 -27.68
C ARG B 91 -31.29 -16.73 -28.05
N VAL B 92 -31.34 -16.32 -29.32
CA VAL B 92 -32.35 -15.39 -29.80
C VAL B 92 -33.52 -16.21 -30.36
N PRO B 93 -34.74 -16.00 -29.89
CA PRO B 93 -35.89 -16.71 -30.49
C PRO B 93 -36.07 -16.28 -31.94
N ASP B 94 -36.35 -17.26 -32.80
CA ASP B 94 -36.52 -16.97 -34.20
C ASP B 94 -37.73 -16.08 -34.43
N PRO B 95 -37.64 -15.08 -35.31
CA PRO B 95 -38.81 -14.24 -35.62
C PRO B 95 -39.91 -15.06 -36.26
N GLN B 96 -41.10 -14.46 -36.31
CA GLN B 96 -42.25 -15.15 -36.87
C GLN B 96 -42.18 -15.11 -38.40
N GLU B 97 -43.03 -15.93 -39.03
CA GLU B 97 -42.92 -16.17 -40.47
C GLU B 97 -43.08 -14.87 -41.26
N GLY B 98 -44.11 -14.09 -40.94
CA GLY B 98 -44.31 -12.82 -41.62
C GLY B 98 -43.15 -11.86 -41.41
N THR B 99 -42.57 -11.88 -40.21
CA THR B 99 -41.42 -11.02 -39.92
C THR B 99 -40.24 -11.39 -40.82
N ARG B 100 -39.95 -12.69 -40.92
CA ARG B 100 -38.87 -13.14 -41.79
C ARG B 100 -39.15 -12.81 -43.24
N GLN B 101 -40.42 -12.90 -43.65
CA GLN B 101 -40.79 -12.56 -45.01
C GLN B 101 -40.53 -11.08 -45.30
N VAL B 102 -40.95 -10.20 -44.38
CA VAL B 102 -40.68 -8.77 -44.53
C VAL B 102 -39.19 -8.52 -44.58
N MET B 103 -38.43 -9.20 -43.71
CA MET B 103 -36.98 -9.05 -43.71
C MET B 103 -36.40 -9.41 -45.07
N ASN B 104 -36.85 -10.54 -45.64
CA ASN B 104 -36.34 -10.96 -46.93
C ASN B 104 -36.66 -9.96 -48.02
N ILE B 105 -37.90 -9.45 -48.04
CA ILE B 105 -38.30 -8.48 -49.06
C ILE B 105 -37.45 -7.23 -48.96
N VAL B 106 -37.32 -6.67 -47.74
CA VAL B 106 -36.59 -5.42 -47.58
C VAL B 106 -35.10 -5.62 -47.87
N SER B 107 -34.54 -6.76 -47.47
CA SER B 107 -33.13 -7.02 -47.71
C SER B 107 -32.85 -7.20 -49.20
N SER B 108 -33.73 -7.89 -49.92
CA SER B 108 -33.55 -8.03 -51.36
C SER B 108 -33.66 -6.68 -52.05
N TRP B 109 -34.65 -5.87 -51.66
CA TRP B 109 -34.78 -4.54 -52.26
C TRP B 109 -33.56 -3.68 -51.98
N LEU B 110 -33.01 -3.76 -50.77
CA LEU B 110 -31.85 -2.93 -50.44
C LEU B 110 -30.60 -3.42 -51.17
N TRP B 111 -30.42 -4.74 -51.28
CA TRP B 111 -29.29 -5.26 -52.05
C TRP B 111 -29.39 -4.88 -53.52
N LYS B 112 -30.61 -4.82 -54.06
CA LYS B 112 -30.77 -4.38 -55.44
C LYS B 112 -30.49 -2.89 -55.58
N GLU B 113 -30.90 -2.10 -54.58
CA GLU B 113 -30.72 -0.65 -54.65
C GLU B 113 -29.25 -0.26 -54.51
N LEU B 114 -28.54 -0.89 -53.57
CA LEU B 114 -27.12 -0.64 -53.43
C LEU B 114 -26.33 -1.10 -54.64
N GLY B 115 -26.89 -2.01 -55.43
CA GLY B 115 -26.28 -2.49 -56.66
C GLY B 115 -26.84 -1.91 -57.93
N LYS B 116 -27.72 -0.92 -57.84
CA LYS B 116 -28.22 -0.26 -59.05
C LYS B 116 -27.09 0.41 -59.82
N ARG B 117 -26.12 0.97 -59.10
CA ARG B 117 -24.99 1.63 -59.72
C ARG B 117 -23.68 0.87 -59.56
N LYS B 118 -23.64 -0.17 -58.74
CA LYS B 118 -22.41 -0.89 -58.46
C LYS B 118 -22.57 -2.36 -58.80
N ARG B 119 -21.42 -3.02 -59.04
CA ARG B 119 -21.40 -4.43 -59.40
C ARG B 119 -20.35 -5.12 -58.53
N PRO B 120 -20.73 -6.20 -57.83
CA PRO B 120 -19.74 -6.91 -57.02
C PRO B 120 -18.57 -7.41 -57.85
N ARG B 121 -17.39 -7.43 -57.24
CA ARG B 121 -16.17 -7.78 -57.94
C ARG B 121 -15.24 -8.54 -57.02
N VAL B 122 -14.24 -9.19 -57.63
CA VAL B 122 -13.20 -9.85 -56.84
C VAL B 122 -12.30 -8.80 -56.20
N CYS B 123 -11.54 -9.24 -55.20
CA CYS B 123 -10.56 -8.40 -54.52
C CYS B 123 -9.21 -9.08 -54.60
N THR B 124 -8.22 -8.41 -55.19
CA THR B 124 -6.93 -9.00 -55.46
C THR B 124 -6.03 -8.94 -54.23
N LYS B 125 -4.85 -9.53 -54.33
CA LYS B 125 -3.90 -9.54 -53.23
C LYS B 125 -3.32 -8.15 -52.98
N GLU B 126 -3.13 -7.36 -54.03
CA GLU B 126 -2.47 -6.07 -53.91
C GLU B 126 -3.24 -5.14 -52.97
N GLU B 127 -4.57 -5.11 -53.12
CA GLU B 127 -5.42 -4.35 -52.20
C GLU B 127 -5.15 -4.76 -50.77
N PHE B 128 -5.11 -6.07 -50.50
CA PHE B 128 -4.90 -6.55 -49.14
C PHE B 128 -3.52 -6.20 -48.63
N ILE B 129 -2.50 -6.25 -49.51
CA ILE B 129 -1.16 -5.90 -49.09
C ILE B 129 -1.10 -4.44 -48.68
N ASN B 130 -1.85 -3.58 -49.37
CA ASN B 130 -1.90 -2.18 -48.98
C ASN B 130 -2.56 -2.02 -47.61
N LYS B 131 -3.74 -2.61 -47.44
CA LYS B 131 -4.56 -2.34 -46.25
C LYS B 131 -3.91 -2.86 -44.98
N VAL B 132 -3.07 -3.89 -45.07
CA VAL B 132 -2.46 -4.45 -43.88
C VAL B 132 -1.57 -3.40 -43.22
N ARG B 133 -1.54 -3.40 -41.89
CA ARG B 133 -0.80 -2.42 -41.11
C ARG B 133 0.23 -3.10 -40.23
N SER B 134 1.15 -2.30 -39.71
CA SER B 134 2.19 -2.81 -38.81
C SER B 134 1.72 -2.79 -37.36
CA GLY B 139 -2.40 -8.49 -36.63
C GLY B 139 -2.31 -9.93 -37.09
N ALA B 140 -1.09 -10.37 -37.43
CA ALA B 140 -0.86 -11.74 -37.89
C ALA B 140 -0.84 -12.68 -36.68
N ILE B 141 -2.04 -12.99 -36.19
CA ILE B 141 -2.23 -13.91 -35.08
C ILE B 141 -2.65 -15.24 -35.67
N PHE B 142 -1.72 -16.19 -35.72
CA PHE B 142 -1.98 -17.50 -36.29
C PHE B 142 -2.60 -18.42 -35.24
N GLU B 143 -3.34 -19.42 -35.73
CA GLU B 143 -4.01 -20.38 -34.87
C GLU B 143 -3.48 -21.79 -35.04
N GLU B 144 -2.59 -22.03 -36.00
CA GLU B 144 -2.05 -23.36 -36.24
C GLU B 144 -0.55 -23.25 -36.53
N GLU B 145 0.08 -24.41 -36.74
CA GLU B 145 1.52 -24.56 -36.64
C GLU B 145 2.30 -23.58 -37.52
N LYS B 146 1.71 -23.06 -38.59
CA LYS B 146 2.39 -22.11 -39.45
C LYS B 146 2.20 -20.70 -38.86
N GLU B 147 3.22 -20.20 -38.18
CA GLU B 147 3.11 -18.97 -37.41
C GLU B 147 4.17 -17.98 -37.84
N TRP B 148 3.90 -16.70 -37.56
CA TRP B 148 4.73 -15.58 -38.02
C TRP B 148 5.02 -14.64 -36.85
N LYS B 149 5.68 -13.53 -37.18
CA LYS B 149 5.98 -12.48 -36.20
C LYS B 149 5.02 -11.30 -36.32
N THR B 150 4.87 -10.72 -37.51
CA THR B 150 3.96 -9.62 -37.73
C THR B 150 3.28 -9.78 -39.09
N ALA B 151 2.25 -8.97 -39.31
CA ALA B 151 1.44 -9.09 -40.52
C ALA B 151 2.17 -8.53 -41.74
N VAL B 152 2.91 -7.44 -41.58
CA VAL B 152 3.65 -6.87 -42.70
C VAL B 152 4.77 -7.79 -43.16
N GLU B 153 5.24 -8.69 -42.29
CA GLU B 153 6.26 -9.66 -42.67
C GLU B 153 5.64 -10.85 -43.38
N ALA B 154 4.54 -11.39 -42.83
CA ALA B 154 3.89 -12.54 -43.42
C ALA B 154 3.27 -12.20 -44.77
N VAL B 155 2.78 -10.97 -44.93
CA VAL B 155 2.11 -10.60 -46.17
C VAL B 155 3.06 -10.47 -47.34
N ASN B 156 4.34 -10.23 -47.08
CA ASN B 156 5.35 -10.13 -48.13
C ASN B 156 6.05 -11.45 -48.42
N ASP B 157 5.61 -12.53 -47.79
CA ASP B 157 6.25 -13.84 -47.93
C ASP B 157 5.39 -14.76 -48.79
N PRO B 158 6.01 -15.55 -49.68
CA PRO B 158 5.22 -16.40 -50.58
C PRO B 158 4.63 -17.63 -49.93
N ARG B 159 5.27 -18.14 -48.87
CA ARG B 159 4.75 -19.33 -48.19
C ARG B 159 3.40 -19.05 -47.56
N PHE B 160 3.21 -17.83 -47.04
CA PHE B 160 1.91 -17.43 -46.50
C PHE B 160 0.84 -17.49 -47.58
N TRP B 161 1.14 -16.97 -48.76
CA TRP B 161 0.14 -16.96 -49.83
C TRP B 161 -0.11 -18.35 -50.38
N ALA B 162 0.88 -19.23 -50.37
CA ALA B 162 0.64 -20.62 -50.75
C ALA B 162 -0.26 -21.32 -49.72
N LEU B 163 -0.01 -21.06 -48.43
CA LEU B 163 -0.85 -21.61 -47.38
C LEU B 163 -2.29 -21.08 -47.50
N VAL B 164 -2.46 -19.86 -47.99
CA VAL B 164 -3.79 -19.32 -48.20
C VAL B 164 -4.43 -19.92 -49.44
N ASP B 165 -3.64 -20.15 -50.49
CA ASP B 165 -4.17 -20.76 -51.71
C ASP B 165 -4.66 -22.18 -51.45
N ARG B 166 -3.98 -22.90 -50.56
CA ARG B 166 -4.43 -24.25 -50.20
C ARG B 166 -5.85 -24.20 -49.61
N GLU B 167 -6.09 -23.30 -48.67
CA GLU B 167 -7.41 -23.18 -48.08
C GLU B 167 -8.44 -22.65 -49.08
N ARG B 168 -8.01 -21.82 -50.02
CA ARG B 168 -8.93 -21.39 -51.07
C ARG B 168 -9.37 -22.57 -51.93
N GLU B 169 -8.42 -23.41 -52.33
CA GLU B 169 -8.77 -24.62 -53.07
C GLU B 169 -9.69 -25.52 -52.25
N HIS B 170 -9.46 -25.58 -50.94
CA HIS B 170 -10.38 -26.32 -50.07
C HIS B 170 -11.78 -25.75 -50.13
N HIS B 171 -11.89 -24.41 -50.08
CA HIS B 171 -13.20 -23.77 -50.20
C HIS B 171 -13.85 -24.09 -51.54
N LEU B 172 -13.06 -24.18 -52.60
CA LEU B 172 -13.59 -24.52 -53.91
C LEU B 172 -14.01 -25.98 -53.98
N ARG B 173 -13.33 -26.86 -53.25
CA ARG B 173 -13.67 -28.27 -53.20
C ARG B 173 -14.73 -28.58 -52.14
N GLY B 174 -15.29 -27.57 -51.50
CA GLY B 174 -16.34 -27.76 -50.53
C GLY B 174 -15.89 -28.09 -49.12
N GLU B 175 -14.59 -28.01 -48.84
CA GLU B 175 -14.05 -28.31 -47.52
C GLU B 175 -13.52 -27.03 -46.88
N CYS B 176 -13.05 -27.16 -45.64
CA CYS B 176 -12.52 -26.02 -44.90
C CYS B 176 -11.67 -26.56 -43.75
N HIS B 177 -10.40 -26.16 -43.71
CA HIS B 177 -9.45 -26.73 -42.76
C HIS B 177 -8.66 -25.71 -41.94
N SER B 178 -8.89 -24.41 -42.12
CA SER B 178 -8.05 -23.43 -41.45
C SER B 178 -8.78 -22.23 -40.87
N CYS B 179 -9.96 -21.86 -41.37
CA CYS B 179 -10.64 -20.64 -40.94
C CYS B 179 -11.31 -20.90 -39.60
N VAL B 180 -10.59 -20.60 -38.51
CA VAL B 180 -11.07 -20.79 -37.15
C VAL B 180 -11.01 -19.46 -36.41
N TYR B 181 -12.07 -19.14 -35.69
CA TYR B 181 -12.10 -17.91 -34.90
C TYR B 181 -11.31 -18.08 -33.61
N ASN B 182 -10.81 -16.96 -33.08
CA ASN B 182 -10.13 -16.90 -31.80
C ASN B 182 -10.76 -15.77 -31.00
N MET B 183 -11.45 -16.12 -29.91
CA MET B 183 -12.21 -15.15 -29.14
C MET B 183 -11.40 -14.67 -27.95
N MET B 184 -11.32 -13.34 -27.80
CA MET B 184 -10.72 -12.70 -26.65
C MET B 184 -11.80 -11.89 -25.95
N GLY B 185 -12.15 -12.27 -24.73
CA GLY B 185 -13.13 -11.51 -23.97
C GLY B 185 -12.48 -10.36 -23.23
N LYS B 186 -13.28 -9.33 -22.96
CA LYS B 186 -12.84 -8.16 -22.23
C LYS B 186 -13.94 -7.72 -21.29
N ARG B 187 -13.65 -7.74 -19.99
CA ARG B 187 -14.61 -7.38 -18.95
C ARG B 187 -14.30 -5.99 -18.43
N GLU B 188 -15.33 -5.17 -18.29
CA GLU B 188 -15.20 -3.80 -17.84
C GLU B 188 -15.83 -3.62 -16.47
N LYS B 189 -15.36 -2.61 -15.76
CA LYS B 189 -15.87 -2.27 -14.42
C LYS B 189 -15.81 -3.44 -13.46
N LYS B 198 -20.05 -3.86 -17.13
CA LYS B 198 -20.48 -2.74 -17.95
C LYS B 198 -20.39 -3.11 -19.40
N GLY B 199 -19.77 -2.28 -20.20
CA GLY B 199 -19.68 -2.57 -21.61
C GLY B 199 -18.54 -3.47 -21.98
N SER B 200 -18.69 -4.72 -21.59
CA SER B 200 -17.75 -5.75 -21.79
C SER B 200 -18.09 -6.39 -23.09
N ARG B 201 -17.12 -6.40 -23.99
CA ARG B 201 -17.19 -6.91 -25.31
C ARG B 201 -16.33 -8.11 -25.57
N ALA B 202 -16.75 -9.00 -26.47
CA ALA B 202 -16.00 -10.16 -26.91
C ALA B 202 -15.45 -9.83 -28.25
N ILE B 203 -14.27 -10.26 -28.57
CA ILE B 203 -13.63 -9.93 -29.84
C ILE B 203 -13.34 -11.22 -30.58
N TRP B 204 -13.86 -11.34 -31.80
CA TRP B 204 -13.55 -12.45 -32.69
C TRP B 204 -12.65 -11.95 -33.80
N TYR B 205 -11.69 -12.77 -34.22
CA TYR B 205 -10.97 -12.54 -35.47
C TYR B 205 -10.12 -13.75 -35.83
N MET B 206 -10.23 -14.19 -37.08
CA MET B 206 -9.46 -15.30 -37.59
C MET B 206 -8.05 -14.86 -37.96
N TRP B 207 -7.21 -15.84 -38.30
CA TRP B 207 -5.84 -15.53 -38.67
C TRP B 207 -5.82 -14.82 -40.03
N LEU B 208 -4.63 -14.34 -40.39
CA LEU B 208 -4.51 -13.41 -41.52
C LEU B 208 -5.00 -14.03 -42.82
N GLY B 209 -4.76 -15.34 -43.01
CA GLY B 209 -5.17 -15.96 -44.26
C GLY B 209 -6.68 -16.12 -44.40
N ALA B 210 -7.34 -16.53 -43.32
CA ALA B 210 -8.80 -16.62 -43.34
C ALA B 210 -9.43 -15.25 -43.58
N ARG B 211 -8.86 -14.22 -42.95
CA ARG B 211 -9.36 -12.87 -43.19
C ARG B 211 -9.08 -12.42 -44.62
N PHE B 212 -7.99 -12.87 -45.22
CA PHE B 212 -7.77 -12.54 -46.63
C PHE B 212 -8.76 -13.26 -47.54
N LEU B 213 -9.15 -14.48 -47.19
CA LEU B 213 -10.21 -15.15 -47.94
C LEU B 213 -11.51 -14.37 -47.83
N GLU B 214 -11.88 -13.97 -46.61
CA GLU B 214 -12.98 -13.04 -46.40
C GLU B 214 -12.85 -11.82 -47.29
N PHE B 215 -11.64 -11.26 -47.36
CA PHE B 215 -11.40 -10.04 -48.13
C PHE B 215 -11.67 -10.28 -49.61
N GLU B 216 -10.96 -11.23 -50.22
CA GLU B 216 -11.15 -11.51 -51.64
C GLU B 216 -12.61 -11.84 -51.96
N ALA B 217 -13.34 -12.40 -50.98
CA ALA B 217 -14.72 -12.78 -51.27
C ALA B 217 -15.70 -11.61 -51.15
N LEU B 218 -15.51 -10.74 -50.15
CA LEU B 218 -16.56 -9.78 -49.82
C LEU B 218 -16.09 -8.35 -49.57
N GLY B 219 -14.79 -8.05 -49.67
CA GLY B 219 -14.29 -6.75 -49.32
C GLY B 219 -14.69 -5.63 -50.25
N PHE B 220 -15.24 -5.97 -51.42
CA PHE B 220 -15.77 -4.93 -52.31
C PHE B 220 -16.82 -4.08 -51.62
N LEU B 221 -17.49 -4.64 -50.60
CA LEU B 221 -18.41 -3.85 -49.80
C LEU B 221 -17.72 -2.67 -49.14
N ASN B 222 -16.44 -2.81 -48.78
CA ASN B 222 -15.67 -1.75 -48.15
C ASN B 222 -14.87 -0.94 -49.18
N GLU B 223 -14.15 -1.64 -50.06
CA GLU B 223 -13.25 -0.97 -50.99
C GLU B 223 -14.01 -0.16 -52.04
N ASP B 224 -15.17 -0.64 -52.47
CA ASP B 224 -16.00 0.09 -53.42
C ASP B 224 -17.01 0.99 -52.73
N HIS B 225 -16.96 1.10 -51.40
CA HIS B 225 -17.81 1.99 -50.63
C HIS B 225 -19.29 1.70 -50.87
N TRP B 226 -19.65 0.42 -50.85
CA TRP B 226 -21.04 0.03 -51.01
C TRP B 226 -21.93 0.59 -49.90
N MET B 227 -21.36 0.88 -48.73
CA MET B 227 -22.11 1.45 -47.62
C MET B 227 -21.87 2.93 -47.44
N GLY B 228 -21.22 3.58 -48.41
CA GLY B 228 -21.07 5.02 -48.35
C GLY B 228 -22.39 5.74 -48.50
N ARG B 229 -22.42 6.97 -47.97
CA ARG B 229 -23.66 7.74 -47.98
C ARG B 229 -24.14 8.02 -49.40
N GLU B 230 -23.22 8.21 -50.33
CA GLU B 230 -23.61 8.45 -51.72
C GLU B 230 -24.39 7.27 -52.30
N ASN B 231 -23.89 6.06 -52.08
CA ASN B 231 -24.49 4.88 -52.68
C ASN B 231 -25.56 4.24 -51.81
N SER B 232 -25.53 4.45 -50.50
CA SER B 232 -26.50 3.85 -49.60
C SER B 232 -27.56 4.82 -49.10
N GLY B 233 -27.31 6.13 -49.15
CA GLY B 233 -28.27 7.10 -48.67
C GLY B 233 -28.33 7.17 -47.16
N GLY B 234 -28.25 6.03 -46.49
CA GLY B 234 -28.30 5.96 -45.05
C GLY B 234 -26.96 5.71 -44.39
N GLY B 235 -26.04 5.09 -45.12
CA GLY B 235 -24.72 4.82 -44.57
C GLY B 235 -23.91 6.10 -44.39
N VAL B 236 -22.78 5.94 -43.71
CA VAL B 236 -21.87 7.05 -43.44
C VAL B 236 -20.43 6.57 -43.54
N GLU B 237 -20.23 5.41 -44.14
CA GLU B 237 -18.88 4.84 -44.26
C GLU B 237 -17.98 5.76 -45.07
N GLY B 238 -16.82 6.07 -44.53
CA GLY B 238 -15.88 6.93 -45.20
C GLY B 238 -15.76 8.29 -44.54
N LEU B 239 -16.87 8.80 -44.04
CA LEU B 239 -16.88 10.10 -43.38
C LEU B 239 -16.19 10.02 -42.03
N GLY B 240 -15.36 11.01 -41.73
CA GLY B 240 -14.74 11.12 -40.43
C GLY B 240 -15.64 11.79 -39.42
N LEU B 241 -15.15 11.89 -38.19
CA LEU B 241 -15.89 12.58 -37.14
C LEU B 241 -16.06 14.07 -37.44
N GLN B 242 -15.34 14.60 -38.43
CA GLN B 242 -15.42 16.01 -38.79
C GLN B 242 -16.55 16.32 -39.77
N ARG B 243 -17.38 15.33 -40.12
CA ARG B 243 -18.50 15.54 -41.05
C ARG B 243 -19.80 14.90 -40.60
N LEU B 244 -19.78 13.99 -39.62
CA LEU B 244 -21.02 13.34 -39.18
C LEU B 244 -21.97 14.33 -38.54
N GLY B 245 -21.45 15.38 -37.91
CA GLY B 245 -22.32 16.42 -37.38
C GLY B 245 -23.05 17.18 -38.47
N TYR B 246 -22.36 17.45 -39.58
CA TYR B 246 -23.02 18.03 -40.74
C TYR B 246 -24.12 17.11 -41.25
N ILE B 247 -23.84 15.80 -41.30
CA ILE B 247 -24.87 14.85 -41.70
C ILE B 247 -26.08 14.93 -40.77
N LEU B 248 -25.83 15.02 -39.46
CA LEU B 248 -26.92 15.07 -38.50
C LEU B 248 -27.75 16.34 -38.65
N GLU B 249 -27.09 17.47 -38.89
CA GLU B 249 -27.84 18.72 -39.03
C GLU B 249 -28.65 18.74 -40.33
N GLU B 250 -28.07 18.21 -41.42
CA GLU B 250 -28.83 18.13 -42.66
C GLU B 250 -30.02 17.19 -42.51
N MET B 251 -29.89 16.17 -41.68
CA MET B 251 -31.06 15.35 -41.33
C MET B 251 -32.06 16.17 -40.55
N ASN B 252 -31.58 17.03 -39.65
CA ASN B 252 -32.48 17.86 -38.85
C ASN B 252 -33.30 18.79 -39.73
N ARG B 253 -32.75 19.22 -40.87
CA ARG B 253 -33.49 20.14 -41.74
C ARG B 253 -34.79 19.52 -42.25
N ALA B 254 -34.82 18.22 -42.52
CA ALA B 254 -35.97 17.59 -43.12
C ALA B 254 -37.16 17.61 -42.15
N PRO B 255 -38.38 17.65 -42.67
CA PRO B 255 -39.56 17.59 -41.80
C PRO B 255 -39.71 16.20 -41.19
N GLY B 256 -40.53 16.13 -40.15
CA GLY B 256 -40.84 14.90 -39.47
C GLY B 256 -40.75 15.06 -37.97
N GLY B 257 -40.75 13.94 -37.27
CA GLY B 257 -40.69 13.94 -35.82
C GLY B 257 -39.27 14.13 -35.31
N LYS B 258 -39.07 13.74 -34.05
CA LYS B 258 -37.77 13.86 -33.43
C LYS B 258 -36.78 12.90 -34.09
N MET B 259 -35.50 13.08 -33.76
CA MET B 259 -34.45 12.17 -34.21
C MET B 259 -34.24 11.11 -33.15
N TYR B 260 -34.17 9.85 -33.57
CA TYR B 260 -34.06 8.71 -32.67
C TYR B 260 -32.72 8.03 -32.86
N ALA B 261 -32.02 7.79 -31.76
CA ALA B 261 -30.71 7.15 -31.78
C ALA B 261 -30.69 5.99 -30.78
N ASP B 262 -31.56 5.01 -31.00
CA ASP B 262 -31.61 3.84 -30.13
C ASP B 262 -30.46 2.89 -30.43
N ASP B 263 -30.01 2.20 -29.39
CA ASP B 263 -28.91 1.27 -29.47
C ASP B 263 -29.41 -0.13 -29.16
N THR B 264 -28.89 -1.12 -29.90
CA THR B 264 -29.27 -2.51 -29.70
C THR B 264 -28.36 -3.15 -28.67
N ALA B 265 -28.95 -3.85 -27.72
CA ALA B 265 -28.18 -4.50 -26.66
C ALA B 265 -27.49 -5.72 -27.21
N GLY B 266 -26.18 -5.63 -27.43
CA GLY B 266 -25.43 -6.72 -28.00
C GLY B 266 -25.84 -7.04 -29.42
N TRP B 267 -25.68 -6.06 -30.32
CA TRP B 267 -26.13 -6.22 -31.70
C TRP B 267 -25.56 -7.47 -32.34
N ASP B 268 -24.25 -7.67 -32.20
CA ASP B 268 -23.60 -8.82 -32.81
C ASP B 268 -24.22 -10.12 -32.34
N THR B 269 -24.59 -10.20 -31.05
CA THR B 269 -25.17 -11.42 -30.53
C THR B 269 -26.58 -11.66 -31.03
N ARG B 270 -27.27 -10.62 -31.50
CA ARG B 270 -28.67 -10.74 -31.88
C ARG B 270 -28.87 -11.07 -33.34
N ILE B 271 -27.84 -10.96 -34.17
CA ILE B 271 -27.98 -11.32 -35.58
C ILE B 271 -28.33 -12.79 -35.68
N SER B 272 -29.49 -13.07 -36.28
CA SER B 272 -30.02 -14.42 -36.35
C SER B 272 -29.48 -15.15 -37.57
N LYS B 273 -29.89 -16.41 -37.73
CA LYS B 273 -29.57 -17.13 -38.95
C LYS B 273 -30.26 -16.50 -40.15
N PHE B 274 -31.41 -15.86 -39.94
CA PHE B 274 -32.13 -15.23 -41.03
C PHE B 274 -31.51 -13.91 -41.44
N ASP B 275 -30.87 -13.20 -40.52
CA ASP B 275 -30.10 -12.02 -40.89
C ASP B 275 -28.96 -12.39 -41.84
N LEU B 276 -28.17 -13.41 -41.47
CA LEU B 276 -27.12 -13.90 -42.36
C LEU B 276 -27.71 -14.43 -43.65
N GLU B 277 -28.90 -15.06 -43.58
CA GLU B 277 -29.55 -15.59 -44.76
C GLU B 277 -29.90 -14.49 -45.76
N ASN B 278 -30.43 -13.37 -45.25
CA ASN B 278 -30.79 -12.24 -46.11
C ASN B 278 -29.59 -11.41 -46.52
N GLU B 279 -28.49 -11.47 -45.76
CA GLU B 279 -27.26 -10.80 -46.20
C GLU B 279 -26.55 -11.60 -47.28
N ALA B 280 -26.69 -12.93 -47.27
CA ALA B 280 -26.14 -13.77 -48.32
C ALA B 280 -26.87 -13.59 -49.66
N LEU B 281 -27.94 -12.79 -49.70
CA LEU B 281 -28.65 -12.57 -50.95
C LEU B 281 -27.82 -11.80 -51.95
N ILE B 282 -26.76 -11.10 -51.51
CA ILE B 282 -25.87 -10.41 -52.44
C ILE B 282 -25.10 -11.37 -53.32
N THR B 283 -25.10 -12.67 -52.98
CA THR B 283 -24.46 -13.67 -53.83
C THR B 283 -25.13 -13.81 -55.20
N ASN B 284 -26.34 -13.27 -55.35
CA ASN B 284 -27.05 -13.34 -56.62
C ASN B 284 -26.63 -12.26 -57.61
N GLN B 285 -25.70 -11.37 -57.22
CA GLN B 285 -25.18 -10.34 -58.11
C GLN B 285 -23.73 -10.59 -58.49
N MET B 286 -23.15 -11.70 -58.08
CA MET B 286 -21.74 -11.98 -58.30
C MET B 286 -21.57 -13.03 -59.40
N GLU B 287 -20.42 -12.97 -60.07
CA GLU B 287 -20.10 -13.97 -61.08
C GLU B 287 -19.94 -15.34 -60.44
N GLU B 288 -19.99 -16.37 -61.28
CA GLU B 288 -20.10 -17.75 -60.78
C GLU B 288 -18.91 -18.15 -59.92
N GLY B 289 -17.68 -17.82 -60.35
CA GLY B 289 -16.52 -18.13 -59.53
C GLY B 289 -16.48 -17.29 -58.26
N HIS B 290 -16.73 -15.99 -58.40
CA HIS B 290 -16.90 -15.12 -57.24
C HIS B 290 -17.99 -15.67 -56.33
N ARG B 291 -19.07 -16.19 -56.92
CA ARG B 291 -20.15 -16.74 -56.10
C ARG B 291 -19.69 -17.96 -55.33
N THR B 292 -18.92 -18.84 -55.97
CA THR B 292 -18.38 -20.01 -55.26
C THR B 292 -17.55 -19.57 -54.06
N LEU B 293 -16.59 -18.66 -54.30
CA LEU B 293 -15.72 -18.19 -53.22
C LEU B 293 -16.52 -17.57 -52.07
N ALA B 294 -17.45 -16.67 -52.39
CA ALA B 294 -18.15 -15.94 -51.34
C ALA B 294 -19.15 -16.83 -50.61
N LEU B 295 -19.86 -17.71 -51.33
CA LEU B 295 -20.74 -18.65 -50.66
C LEU B 295 -19.95 -19.56 -49.73
N ALA B 296 -18.74 -19.98 -50.16
CA ALA B 296 -17.90 -20.76 -49.28
C ALA B 296 -17.58 -20.00 -48.01
N VAL B 297 -17.14 -18.74 -48.14
CA VAL B 297 -16.83 -17.94 -46.96
C VAL B 297 -18.05 -17.84 -46.06
N ILE B 298 -19.22 -17.58 -46.65
CA ILE B 298 -20.44 -17.39 -45.85
C ILE B 298 -20.77 -18.66 -45.07
N LYS B 299 -20.87 -19.79 -45.76
CA LYS B 299 -21.39 -21.00 -45.12
C LYS B 299 -20.35 -21.73 -44.28
N TYR B 300 -19.05 -21.48 -44.50
CA TYR B 300 -18.02 -22.12 -43.69
C TYR B 300 -17.43 -21.20 -42.64
N THR B 301 -17.79 -19.92 -42.64
CA THR B 301 -17.23 -18.95 -41.71
C THR B 301 -18.31 -18.17 -40.97
N TYR B 302 -19.38 -17.76 -41.65
CA TYR B 302 -20.41 -16.93 -41.03
C TYR B 302 -21.57 -17.77 -40.49
N GLN B 303 -22.16 -18.62 -41.32
CA GLN B 303 -23.28 -19.43 -40.91
C GLN B 303 -22.87 -20.72 -40.18
N ASN B 304 -21.59 -21.07 -40.23
CA ASN B 304 -21.04 -22.18 -39.45
C ASN B 304 -19.64 -21.78 -39.03
N LYS B 305 -19.39 -21.74 -37.72
CA LYS B 305 -18.09 -21.25 -37.26
C LYS B 305 -17.67 -21.98 -35.99
N VAL B 306 -16.36 -22.20 -35.88
CA VAL B 306 -15.73 -22.74 -34.68
C VAL B 306 -14.81 -21.67 -34.11
N VAL B 307 -14.85 -21.53 -32.79
CA VAL B 307 -14.08 -20.52 -32.05
C VAL B 307 -13.28 -21.24 -30.98
N LYS B 308 -12.19 -20.60 -30.55
CA LYS B 308 -11.35 -21.11 -29.47
C LYS B 308 -11.32 -20.06 -28.37
N VAL B 309 -11.74 -20.44 -27.17
CA VAL B 309 -11.87 -19.48 -26.07
C VAL B 309 -11.30 -20.09 -24.80
N LEU B 310 -10.54 -19.29 -24.05
CA LEU B 310 -9.91 -19.76 -22.83
C LEU B 310 -10.92 -19.80 -21.68
N ARG B 311 -10.69 -20.72 -20.75
CA ARG B 311 -11.54 -20.91 -19.59
C ARG B 311 -10.67 -21.39 -18.45
N PRO B 312 -10.81 -20.84 -17.25
CA PRO B 312 -9.98 -21.28 -16.13
C PRO B 312 -10.30 -22.71 -15.74
N ALA B 313 -9.25 -23.46 -15.39
CA ALA B 313 -9.34 -24.83 -14.95
C ALA B 313 -8.71 -24.98 -13.57
N GLU B 314 -8.70 -26.21 -13.07
CA GLU B 314 -8.17 -26.49 -11.75
C GLU B 314 -6.64 -26.47 -11.77
N GLY B 315 -6.06 -26.31 -10.58
CA GLY B 315 -4.62 -26.28 -10.45
C GLY B 315 -3.96 -25.01 -10.95
N GLY B 316 -4.73 -23.94 -11.15
CA GLY B 316 -4.21 -22.70 -11.70
C GLY B 316 -4.02 -22.70 -13.20
N LYS B 317 -4.00 -23.86 -13.84
CA LYS B 317 -3.85 -23.92 -15.29
C LYS B 317 -5.11 -23.44 -15.98
N THR B 318 -4.94 -22.96 -17.21
CA THR B 318 -6.05 -22.51 -18.04
C THR B 318 -6.21 -23.45 -19.23
N VAL B 319 -7.45 -23.71 -19.61
CA VAL B 319 -7.77 -24.67 -20.66
C VAL B 319 -8.60 -23.95 -21.72
N MET B 320 -8.17 -24.06 -22.97
CA MET B 320 -8.91 -23.48 -24.08
C MET B 320 -9.91 -24.49 -24.61
N ASP B 321 -11.16 -24.05 -24.75
CA ASP B 321 -12.25 -24.85 -25.29
C ASP B 321 -12.46 -24.51 -26.76
N ILE B 322 -12.83 -25.55 -27.52
CA ILE B 322 -13.18 -25.42 -28.92
C ILE B 322 -14.70 -25.50 -29.02
N ILE B 323 -15.31 -24.38 -29.40
CA ILE B 323 -16.75 -24.18 -29.34
C ILE B 323 -17.24 -23.89 -30.75
N SER B 324 -18.56 -24.03 -30.95
CA SER B 324 -19.12 -23.86 -32.29
C SER B 324 -20.47 -23.18 -32.23
N ARG B 325 -20.74 -22.35 -33.24
CA ARG B 325 -22.04 -21.70 -33.36
C ARG B 325 -22.35 -21.43 -34.82
N GLN B 326 -23.59 -20.99 -35.05
CA GLN B 326 -24.11 -20.78 -36.41
C GLN B 326 -24.72 -19.40 -36.63
N ASP B 327 -25.53 -18.91 -35.69
CA ASP B 327 -26.31 -17.69 -35.90
C ASP B 327 -25.84 -16.59 -34.95
N GLN B 328 -24.69 -16.00 -35.26
CA GLN B 328 -24.20 -14.81 -34.57
C GLN B 328 -23.22 -14.11 -35.49
N ARG B 329 -22.57 -13.07 -34.97
CA ARG B 329 -21.61 -12.30 -35.74
C ARG B 329 -20.39 -11.98 -34.89
N GLY B 330 -19.21 -12.16 -35.48
CA GLY B 330 -17.97 -11.81 -34.82
C GLY B 330 -17.63 -10.34 -34.97
N SER B 331 -16.52 -9.95 -34.36
CA SER B 331 -16.10 -8.56 -34.30
C SER B 331 -15.05 -8.19 -35.33
N GLY B 332 -14.06 -9.06 -35.56
CA GLY B 332 -12.95 -8.71 -36.43
C GLY B 332 -13.01 -9.35 -37.80
N GLN B 333 -14.22 -9.53 -38.32
CA GLN B 333 -14.37 -9.93 -39.71
C GLN B 333 -14.08 -8.73 -40.61
N VAL B 334 -13.55 -9.02 -41.81
CA VAL B 334 -13.12 -7.95 -42.70
C VAL B 334 -14.32 -7.12 -43.17
N VAL B 335 -15.49 -7.73 -43.29
CA VAL B 335 -16.67 -7.06 -43.81
C VAL B 335 -17.81 -7.03 -42.79
N THR B 336 -17.50 -7.21 -41.51
CA THR B 336 -18.54 -7.24 -40.50
C THR B 336 -19.24 -5.89 -40.36
N TYR B 337 -18.51 -4.79 -40.55
CA TYR B 337 -19.12 -3.48 -40.44
C TYR B 337 -20.13 -3.22 -41.55
N ALA B 338 -19.79 -3.61 -42.79
CA ALA B 338 -20.69 -3.39 -43.91
C ALA B 338 -21.99 -4.18 -43.76
N LEU B 339 -21.87 -5.46 -43.37
CA LEU B 339 -23.08 -6.27 -43.20
C LEU B 339 -23.89 -5.80 -42.01
N ASN B 340 -23.22 -5.34 -40.94
CA ASN B 340 -23.93 -4.76 -39.81
C ASN B 340 -24.72 -3.53 -40.23
N THR B 341 -24.09 -2.64 -41.00
CA THR B 341 -24.78 -1.45 -41.49
C THR B 341 -25.97 -1.84 -42.37
N PHE B 342 -25.79 -2.84 -43.23
CA PHE B 342 -26.88 -3.28 -44.10
C PHE B 342 -28.06 -3.80 -43.28
N THR B 343 -27.79 -4.69 -42.32
CA THR B 343 -28.86 -5.25 -41.52
C THR B 343 -29.54 -4.17 -40.69
N ASN B 344 -28.77 -3.19 -40.19
CA ASN B 344 -29.39 -2.11 -39.42
C ASN B 344 -30.25 -1.22 -40.30
N LEU B 345 -29.82 -0.99 -41.55
CA LEU B 345 -30.65 -0.26 -42.50
C LEU B 345 -31.97 -0.98 -42.75
N VAL B 346 -31.91 -2.30 -42.94
CA VAL B 346 -33.14 -3.08 -43.11
C VAL B 346 -34.03 -2.95 -41.88
N VAL B 347 -33.42 -3.01 -40.69
CA VAL B 347 -34.17 -2.90 -39.44
C VAL B 347 -34.89 -1.56 -39.35
N GLN B 348 -34.17 -0.47 -39.65
CA GLN B 348 -34.77 0.85 -39.57
C GLN B 348 -35.86 1.04 -40.62
N LEU B 349 -35.69 0.46 -41.82
CA LEU B 349 -36.76 0.53 -42.82
C LEU B 349 -38.00 -0.20 -42.34
N ILE B 350 -37.83 -1.38 -41.76
CA ILE B 350 -38.98 -2.13 -41.26
C ILE B 350 -39.68 -1.35 -40.15
N ARG B 351 -38.90 -0.74 -39.26
CA ARG B 351 -39.50 0.03 -38.17
C ARG B 351 -40.22 1.27 -38.69
N ASN B 352 -39.66 1.91 -39.73
CA ASN B 352 -40.34 3.02 -40.38
C ASN B 352 -41.69 2.58 -40.95
N MET B 353 -41.71 1.44 -41.64
CA MET B 353 -42.96 0.94 -42.19
C MET B 353 -43.97 0.64 -41.10
N GLU B 354 -43.52 0.06 -39.98
CA GLU B 354 -44.42 -0.20 -38.86
C GLU B 354 -44.96 1.11 -38.28
N ALA B 355 -44.12 2.14 -38.25
CA ALA B 355 -44.54 3.43 -37.70
C ALA B 355 -45.59 4.10 -38.58
N GLU B 356 -45.41 4.01 -39.90
CA GLU B 356 -46.34 4.60 -40.85
C GLU B 356 -47.57 3.74 -41.09
N GLU B 357 -47.79 2.73 -40.24
CA GLU B 357 -48.93 1.82 -40.31
C GLU B 357 -49.00 1.03 -41.60
N VAL B 358 -47.94 1.06 -42.42
CA VAL B 358 -47.87 0.19 -43.59
C VAL B 358 -47.83 -1.27 -43.15
N LEU B 359 -47.13 -1.55 -42.06
CA LEU B 359 -46.99 -2.89 -41.52
C LEU B 359 -47.76 -2.96 -40.20
N GLU B 360 -48.76 -3.82 -40.14
CA GLU B 360 -49.58 -3.98 -38.95
C GLU B 360 -49.13 -5.22 -38.16
N MET B 361 -49.79 -5.46 -37.03
CA MET B 361 -49.37 -6.53 -36.14
C MET B 361 -49.66 -7.91 -36.72
N GLN B 362 -50.68 -8.03 -37.57
CA GLN B 362 -51.00 -9.32 -38.16
C GLN B 362 -50.01 -9.72 -39.24
N ASP B 363 -49.29 -8.76 -39.82
CA ASP B 363 -48.23 -9.09 -40.76
C ASP B 363 -47.02 -9.70 -40.07
N LEU B 364 -46.93 -9.63 -38.74
CA LEU B 364 -45.91 -10.39 -38.02
C LEU B 364 -46.08 -11.88 -38.24
N TRP B 365 -47.33 -12.36 -38.13
CA TRP B 365 -47.59 -13.80 -38.24
C TRP B 365 -47.35 -14.29 -39.66
N LEU B 366 -48.00 -13.65 -40.64
CA LEU B 366 -47.84 -14.04 -42.04
C LEU B 366 -48.23 -12.85 -42.89
N LEU B 367 -47.29 -12.35 -43.69
CA LEU B 367 -47.54 -11.20 -44.56
C LEU B 367 -48.54 -11.58 -45.63
N ARG B 368 -49.74 -11.01 -45.56
CA ARG B 368 -50.81 -11.42 -46.48
C ARG B 368 -50.73 -10.69 -47.82
N LYS B 369 -50.42 -9.39 -47.81
CA LYS B 369 -50.31 -8.58 -49.01
C LYS B 369 -48.89 -8.04 -49.11
N PRO B 370 -47.94 -8.85 -49.60
CA PRO B 370 -46.54 -8.40 -49.66
C PRO B 370 -46.33 -7.17 -50.54
N GLU B 371 -47.23 -6.91 -51.47
CA GLU B 371 -47.06 -5.76 -52.37
C GLU B 371 -47.01 -4.45 -51.59
N LYS B 372 -47.80 -4.36 -50.51
CA LYS B 372 -47.77 -3.16 -49.67
C LYS B 372 -46.36 -2.84 -49.20
N VAL B 373 -45.54 -3.87 -49.02
CA VAL B 373 -44.16 -3.65 -48.60
C VAL B 373 -43.31 -3.16 -49.76
N THR B 374 -43.50 -3.74 -50.95
CA THR B 374 -42.71 -3.33 -52.10
C THR B 374 -43.08 -1.94 -52.56
N ARG B 375 -44.38 -1.67 -52.74
CA ARG B 375 -44.85 -0.37 -53.17
C ARG B 375 -44.25 0.74 -52.32
N TRP B 376 -44.42 0.64 -51.00
CA TRP B 376 -43.81 1.57 -50.06
C TRP B 376 -42.34 1.77 -50.38
N LEU B 377 -41.60 0.65 -50.41
CA LEU B 377 -40.17 0.70 -50.67
C LEU B 377 -39.87 1.45 -51.96
N GLN B 378 -40.67 1.23 -53.00
CA GLN B 378 -40.39 1.88 -54.27
C GLN B 378 -40.86 3.34 -54.25
N SER B 379 -41.92 3.62 -53.50
CA SER B 379 -42.44 4.98 -53.48
C SER B 379 -41.73 5.82 -52.44
N ASN B 380 -41.38 5.22 -51.29
CA ASN B 380 -40.84 5.98 -50.16
C ASN B 380 -39.51 5.48 -49.63
N GLY B 381 -39.21 4.20 -49.81
CA GLY B 381 -37.98 3.61 -49.29
C GLY B 381 -36.74 4.49 -49.33
N TRP B 382 -36.31 4.91 -50.52
CA TRP B 382 -35.07 5.68 -50.63
C TRP B 382 -35.13 6.96 -49.82
N ASP B 383 -36.29 7.61 -49.78
CA ASP B 383 -36.42 8.82 -48.97
C ASP B 383 -36.10 8.53 -47.52
N ARG B 384 -36.66 7.48 -46.96
CA ARG B 384 -36.39 7.15 -45.60
C ARG B 384 -34.93 6.89 -45.40
N LEU B 385 -34.26 6.35 -46.39
CA LEU B 385 -32.84 6.11 -46.27
C LEU B 385 -32.06 7.38 -46.10
N LYS B 386 -32.44 8.42 -46.80
CA LYS B 386 -31.75 9.68 -46.71
C LYS B 386 -31.98 10.28 -45.37
N ARG B 387 -33.06 9.91 -44.70
CA ARG B 387 -33.32 10.45 -43.37
C ARG B 387 -32.76 9.58 -42.26
N MET B 388 -31.60 8.96 -42.49
CA MET B 388 -30.99 8.14 -41.45
C MET B 388 -29.49 8.05 -41.71
N ALA B 389 -28.73 7.96 -40.63
CA ALA B 389 -27.29 7.80 -40.65
C ALA B 389 -26.95 6.56 -39.83
N VAL B 390 -26.44 5.52 -40.48
CA VAL B 390 -26.18 4.23 -39.84
C VAL B 390 -24.71 3.92 -39.99
N SER B 391 -24.02 3.83 -38.86
CA SER B 391 -22.63 3.36 -38.78
C SER B 391 -22.66 2.04 -38.01
N GLY B 392 -22.71 0.94 -38.76
CA GLY B 392 -22.77 -0.37 -38.12
C GLY B 392 -24.00 -0.50 -37.25
N ASP B 393 -23.78 -0.93 -36.00
CA ASP B 393 -24.87 -1.09 -35.06
C ASP B 393 -25.40 0.24 -34.54
N ASP B 394 -24.68 1.34 -34.76
CA ASP B 394 -25.13 2.65 -34.30
C ASP B 394 -25.94 3.32 -35.40
N CYS B 395 -27.00 4.03 -35.01
CA CYS B 395 -27.89 4.62 -36.00
C CYS B 395 -28.60 5.82 -35.43
N VAL B 396 -28.95 6.75 -36.32
CA VAL B 396 -29.81 7.89 -36.00
C VAL B 396 -30.80 8.05 -37.16
N VAL B 397 -32.09 8.00 -36.87
CA VAL B 397 -33.11 8.13 -37.90
C VAL B 397 -33.96 9.34 -37.61
N LYS B 398 -34.51 9.93 -38.68
CA LYS B 398 -35.48 11.02 -38.59
C LYS B 398 -36.72 10.60 -39.37
N PRO B 399 -37.71 10.00 -38.71
CA PRO B 399 -38.91 9.55 -39.42
C PRO B 399 -39.80 10.69 -39.87
N ILE B 400 -40.95 10.35 -40.45
CA ILE B 400 -41.90 11.38 -40.88
C ILE B 400 -42.75 11.89 -39.73
N ASP B 401 -42.82 11.16 -38.62
CA ASP B 401 -43.55 11.59 -37.43
C ASP B 401 -43.00 10.81 -36.24
N ASP B 402 -43.62 11.04 -35.07
CA ASP B 402 -43.15 10.44 -33.83
C ASP B 402 -43.79 9.09 -33.53
N ARG B 403 -44.65 8.58 -34.42
CA ARG B 403 -45.15 7.21 -34.26
C ARG B 403 -44.01 6.22 -34.19
N PHE B 404 -42.88 6.55 -34.82
CA PHE B 404 -41.66 5.75 -34.75
C PHE B 404 -41.32 5.36 -33.30
N ALA B 405 -41.70 6.19 -32.34
CA ALA B 405 -41.36 5.91 -30.94
C ALA B 405 -42.02 4.63 -30.45
N HIS B 406 -43.23 4.32 -30.92
CA HIS B 406 -43.95 3.16 -30.41
C HIS B 406 -44.12 2.06 -31.46
N ALA B 407 -43.34 2.12 -32.54
CA ALA B 407 -43.31 1.04 -33.53
C ALA B 407 -42.27 0.04 -33.08
N LEU B 408 -42.70 -0.92 -32.25
CA LEU B 408 -41.78 -1.83 -31.57
C LEU B 408 -42.02 -3.30 -31.84
N ARG B 409 -43.17 -3.68 -32.40
CA ARG B 409 -43.50 -5.10 -32.53
C ARG B 409 -42.52 -5.81 -33.46
N PHE B 410 -42.31 -5.25 -34.67
CA PHE B 410 -41.36 -5.87 -35.60
C PHE B 410 -39.92 -5.75 -35.10
N LEU B 411 -39.60 -4.68 -34.38
CA LEU B 411 -38.24 -4.53 -33.85
C LEU B 411 -37.94 -5.60 -32.81
N ASN B 412 -38.89 -5.87 -31.91
CA ASN B 412 -38.67 -6.87 -30.87
C ASN B 412 -38.78 -8.29 -31.42
N ASP B 413 -39.68 -8.52 -32.38
CA ASP B 413 -39.80 -9.85 -32.96
C ASP B 413 -38.54 -10.24 -33.71
N MET B 414 -37.84 -9.28 -34.31
CA MET B 414 -36.55 -9.54 -34.91
C MET B 414 -35.45 -9.76 -33.89
N GLY B 415 -35.72 -9.47 -32.61
CA GLY B 415 -34.73 -9.63 -31.57
C GLY B 415 -33.79 -8.47 -31.38
N LYS B 416 -34.04 -7.34 -32.04
CA LYS B 416 -33.19 -6.16 -31.93
C LYS B 416 -33.66 -5.27 -30.78
N VAL B 417 -33.63 -5.85 -29.57
CA VAL B 417 -34.12 -5.13 -28.40
C VAL B 417 -33.19 -3.95 -28.10
N ARG B 418 -33.78 -2.88 -27.59
CA ARG B 418 -33.06 -1.63 -27.38
C ARG B 418 -32.30 -1.66 -26.06
N LYS B 419 -31.14 -1.03 -26.05
CA LYS B 419 -30.29 -0.99 -24.86
C LYS B 419 -30.79 0.08 -23.90
N ASP B 420 -30.86 -0.28 -22.61
CA ASP B 420 -31.26 0.64 -21.55
C ASP B 420 -32.67 1.18 -21.77
N THR B 421 -33.60 0.27 -22.04
CA THR B 421 -35.00 0.62 -22.24
C THR B 421 -35.84 -0.62 -22.03
N GLN B 422 -37.00 -0.44 -21.37
CA GLN B 422 -37.94 -1.53 -21.24
C GLN B 422 -38.35 -2.04 -22.62
N GLU B 423 -38.72 -3.32 -22.69
CA GLU B 423 -38.94 -3.97 -23.97
C GLU B 423 -40.07 -3.30 -24.75
N TRP B 424 -41.17 -2.98 -24.08
CA TRP B 424 -42.35 -2.41 -24.73
C TRP B 424 -42.60 -0.97 -24.29
N LYS B 425 -41.55 -0.24 -23.95
CA LYS B 425 -41.75 1.17 -23.66
C LYS B 425 -41.32 2.01 -24.86
N PRO B 426 -42.07 3.05 -25.20
CA PRO B 426 -41.71 3.88 -26.35
C PRO B 426 -40.33 4.49 -26.18
N SER B 427 -39.63 4.66 -27.31
CA SER B 427 -38.32 5.27 -27.29
C SER B 427 -38.43 6.77 -27.01
N THR B 428 -37.28 7.36 -26.69
CA THR B 428 -37.18 8.79 -26.45
C THR B 428 -36.34 9.41 -27.56
N GLY B 429 -36.90 10.39 -28.26
CA GLY B 429 -36.20 11.06 -29.32
C GLY B 429 -35.59 12.37 -28.87
N TRP B 430 -34.53 12.79 -29.55
CA TRP B 430 -33.88 14.06 -29.27
C TRP B 430 -34.44 15.14 -30.17
N SER B 431 -34.90 16.23 -29.55
CA SER B 431 -35.38 17.38 -30.30
C SER B 431 -34.24 18.29 -30.76
N ASN B 432 -33.10 18.25 -30.08
CA ASN B 432 -31.94 19.05 -30.43
C ASN B 432 -30.90 18.16 -31.07
N TRP B 433 -30.56 18.44 -32.33
CA TRP B 433 -29.60 17.61 -33.05
C TRP B 433 -28.19 17.75 -32.50
N GLU B 434 -27.94 18.71 -31.63
CA GLU B 434 -26.63 18.85 -30.98
C GLU B 434 -26.50 18.00 -29.73
N GLU B 435 -27.54 17.24 -29.37
CA GLU B 435 -27.50 16.35 -28.23
C GLU B 435 -27.65 14.88 -28.59
N VAL B 436 -27.90 14.56 -29.86
CA VAL B 436 -28.15 13.17 -30.24
C VAL B 436 -26.84 12.40 -30.24
N PRO B 437 -26.81 11.18 -29.69
CA PRO B 437 -25.56 10.41 -29.70
C PRO B 437 -25.38 9.66 -31.03
N PHE B 438 -24.19 9.78 -31.60
CA PHE B 438 -23.85 9.07 -32.83
C PHE B 438 -22.36 8.74 -32.79
N CYS B 439 -22.05 7.44 -32.78
CA CYS B 439 -20.67 6.96 -32.71
C CYS B 439 -19.99 7.45 -31.43
N SER B 440 -20.66 7.23 -30.30
CA SER B 440 -20.19 7.59 -28.97
C SER B 440 -19.91 9.08 -28.82
N HIS B 441 -20.39 9.90 -29.74
CA HIS B 441 -20.17 11.34 -29.71
C HIS B 441 -21.49 12.08 -29.88
N HIS B 442 -21.54 13.30 -29.36
CA HIS B 442 -22.48 14.31 -29.81
C HIS B 442 -21.72 15.33 -30.66
N PHE B 443 -22.47 16.18 -31.34
CA PHE B 443 -21.87 17.13 -32.28
C PHE B 443 -22.42 18.52 -32.01
N ASN B 444 -21.52 19.48 -31.85
CA ASN B 444 -21.90 20.84 -31.50
C ASN B 444 -21.52 21.81 -32.60
N LYS B 445 -22.37 22.78 -32.84
CA LYS B 445 -22.15 23.82 -33.84
C LYS B 445 -21.63 25.06 -33.14
N LEU B 446 -20.40 25.46 -33.46
CA LEU B 446 -19.79 26.65 -32.88
C LEU B 446 -19.27 27.55 -33.99
N TYR B 447 -19.11 28.83 -33.66
CA TYR B 447 -18.75 29.85 -34.63
C TYR B 447 -17.32 30.33 -34.40
N LEU B 448 -16.64 30.67 -35.49
CA LEU B 448 -15.32 31.25 -35.43
C LEU B 448 -15.43 32.76 -35.20
N LYS B 449 -14.29 33.44 -35.20
CA LYS B 449 -14.33 34.90 -35.14
C LYS B 449 -14.80 35.53 -36.44
N ASP B 450 -14.82 34.76 -37.54
CA ASP B 450 -15.38 35.22 -38.80
C ASP B 450 -16.89 35.05 -38.87
N GLY B 451 -17.53 34.57 -37.81
CA GLY B 451 -18.94 34.26 -37.85
C GLY B 451 -19.30 32.99 -38.60
N ARG B 452 -18.33 32.34 -39.22
CA ARG B 452 -18.59 31.11 -39.97
C ARG B 452 -18.81 29.94 -39.02
N SER B 453 -19.66 29.01 -39.45
CA SER B 453 -20.08 27.91 -38.60
C SER B 453 -19.16 26.70 -38.78
N ILE B 454 -19.05 25.91 -37.72
CA ILE B 454 -18.26 24.67 -37.72
C ILE B 454 -18.97 23.67 -36.81
N VAL B 455 -19.37 22.54 -37.37
CA VAL B 455 -19.92 21.45 -36.58
C VAL B 455 -18.79 20.51 -36.22
N VAL B 456 -18.70 20.15 -34.95
CA VAL B 456 -17.50 19.51 -34.43
C VAL B 456 -17.89 18.41 -33.44
N PRO B 457 -17.20 17.27 -33.44
CA PRO B 457 -17.55 16.20 -32.50
C PRO B 457 -17.07 16.50 -31.08
N CYS B 458 -17.71 15.84 -30.12
CA CYS B 458 -17.40 16.02 -28.71
C CYS B 458 -17.98 14.86 -27.94
N ARG B 459 -17.31 14.49 -26.85
CA ARG B 459 -17.80 13.47 -25.94
C ARG B 459 -17.27 13.80 -24.54
N HIS B 460 -17.65 12.96 -23.58
CA HIS B 460 -17.28 13.22 -22.19
C HIS B 460 -15.76 13.17 -22.03
N GLN B 461 -15.25 13.96 -21.09
CA GLN B 461 -13.80 14.07 -20.91
C GLN B 461 -13.22 12.81 -20.29
N ASP B 462 -13.95 12.18 -19.35
CA ASP B 462 -13.39 11.06 -18.61
C ASP B 462 -13.06 9.90 -19.54
N GLU B 463 -13.97 9.57 -20.45
CA GLU B 463 -13.68 8.49 -21.40
C GLU B 463 -12.60 8.89 -22.39
N LEU B 464 -12.62 10.16 -22.83
CA LEU B 464 -11.59 10.64 -23.77
C LEU B 464 -10.20 10.55 -23.16
N ILE B 465 -10.08 10.71 -21.85
CA ILE B 465 -8.79 10.63 -21.19
C ILE B 465 -8.42 9.18 -20.84
N GLY B 466 -9.40 8.40 -20.39
CA GLY B 466 -9.12 7.01 -20.08
C GLY B 466 -8.70 6.20 -21.29
N ARG B 467 -9.36 6.43 -22.43
CA ARG B 467 -8.93 5.78 -23.67
C ARG B 467 -7.55 6.26 -24.09
N ALA B 468 -7.11 7.43 -23.63
CA ALA B 468 -5.77 7.91 -23.90
C ALA B 468 -4.74 7.41 -22.90
N ARG B 469 -5.18 6.87 -21.76
CA ARG B 469 -4.26 6.35 -20.75
C ARG B 469 -3.85 4.91 -21.00
N VAL B 470 -4.59 4.15 -21.79
CA VAL B 470 -4.31 2.73 -21.96
C VAL B 470 -3.20 2.54 -23.00
N SER B 471 -2.52 1.39 -22.88
CA SER B 471 -1.50 0.98 -23.82
C SER B 471 -1.72 -0.48 -24.19
N PRO B 472 -1.54 -0.84 -25.47
CA PRO B 472 -1.90 -2.20 -25.90
C PRO B 472 -1.03 -3.30 -25.29
N GLY B 473 0.06 -2.91 -24.64
CA GLY B 473 0.99 -3.85 -23.99
C GLY B 473 2.08 -4.28 -24.95
N ALA B 474 1.90 -3.98 -26.23
CA ALA B 474 2.94 -4.27 -27.26
C ALA B 474 3.80 -3.02 -27.44
N GLY B 475 3.41 -1.92 -26.80
CA GLY B 475 4.10 -0.61 -26.81
C GLY B 475 4.63 -0.32 -25.43
N TRP B 476 5.05 -1.37 -24.72
CA TRP B 476 5.55 -1.25 -23.32
C TRP B 476 6.79 -0.36 -23.32
N SER B 477 7.66 -0.52 -24.31
CA SER B 477 8.91 0.28 -24.37
C SER B 477 8.55 1.76 -24.30
N ILE B 478 9.39 2.56 -23.63
CA ILE B 478 9.06 4.00 -23.41
C ILE B 478 8.86 4.70 -24.76
N ARG B 479 9.68 4.39 -25.77
CA ARG B 479 9.50 5.09 -27.03
C ARG B 479 8.08 4.94 -27.60
N GLU B 480 7.53 3.75 -27.49
CA GLU B 480 6.20 3.55 -27.97
C GLU B 480 5.22 4.38 -27.18
N THR B 481 5.38 4.45 -25.87
CA THR B 481 4.45 5.20 -25.06
C THR B 481 4.47 6.66 -25.43
N ALA B 482 5.64 7.20 -25.63
CA ALA B 482 5.74 8.58 -25.99
C ALA B 482 5.12 8.90 -27.32
N CYS B 483 5.28 8.02 -28.30
CA CYS B 483 4.75 8.29 -29.63
C CYS B 483 3.24 8.17 -29.72
N LEU B 484 2.68 7.26 -28.94
CA LEU B 484 1.23 7.09 -28.85
C LEU B 484 0.59 8.25 -28.10
N ALA B 485 1.28 8.78 -27.10
CA ALA B 485 0.78 9.97 -26.41
C ALA B 485 0.74 11.16 -27.35
N LYS B 486 1.77 11.31 -28.20
CA LYS B 486 1.74 12.35 -29.21
C LYS B 486 0.60 12.14 -30.19
N SER B 487 0.32 10.89 -30.54
CA SER B 487 -0.83 10.57 -31.39
C SER B 487 -2.12 11.08 -30.76
N TYR B 488 -2.34 10.73 -29.49
CA TYR B 488 -3.56 11.16 -28.81
C TYR B 488 -3.63 12.68 -28.72
N ALA B 489 -2.51 13.34 -28.44
CA ALA B 489 -2.50 14.79 -28.32
C ALA B 489 -2.88 15.45 -29.64
N GLN B 490 -2.32 14.97 -30.75
CA GLN B 490 -2.64 15.60 -32.03
C GLN B 490 -4.05 15.23 -32.49
N MET B 491 -4.54 14.05 -32.13
CA MET B 491 -5.95 13.73 -32.37
C MET B 491 -6.86 14.71 -31.64
N TRP B 492 -6.51 15.05 -30.40
CA TRP B 492 -7.26 16.06 -29.68
C TRP B 492 -7.16 17.42 -30.35
N GLN B 493 -5.95 17.79 -30.82
CA GLN B 493 -5.79 19.07 -31.50
C GLN B 493 -6.67 19.17 -32.74
N LEU B 494 -6.85 18.05 -33.44
CA LEU B 494 -7.65 18.09 -34.66
C LEU B 494 -9.15 17.95 -34.40
N LEU B 495 -9.56 17.18 -33.38
CA LEU B 495 -10.96 16.84 -33.18
C LEU B 495 -11.56 17.42 -31.91
N TYR B 496 -10.77 17.64 -30.86
CA TYR B 496 -11.29 18.07 -29.57
C TYR B 496 -10.61 19.34 -29.10
N PHE B 497 -10.27 20.23 -30.03
CA PHE B 497 -9.65 21.51 -29.69
C PHE B 497 -10.59 22.38 -28.86
N HIS B 498 -11.89 22.25 -29.06
CA HIS B 498 -12.89 23.06 -28.37
C HIS B 498 -12.95 22.78 -26.87
N ARG B 499 -12.24 21.78 -26.38
CA ARG B 499 -12.20 21.47 -24.95
C ARG B 499 -10.97 22.10 -24.33
N ARG B 500 -11.16 22.76 -23.18
CA ARG B 500 -10.06 23.47 -22.53
C ARG B 500 -8.96 22.51 -22.10
N ASP B 501 -9.31 21.53 -21.25
CA ASP B 501 -8.30 20.64 -20.70
C ASP B 501 -7.64 19.79 -21.78
N LEU B 502 -8.39 19.39 -22.81
CA LEU B 502 -7.78 18.60 -23.88
C LEU B 502 -6.82 19.45 -24.71
N ARG B 503 -7.18 20.71 -24.96
CA ARG B 503 -6.26 21.63 -25.64
C ARG B 503 -4.97 21.79 -24.84
N LEU B 504 -5.10 21.98 -23.52
CA LEU B 504 -3.93 22.14 -22.67
C LEU B 504 -3.07 20.88 -22.68
N MET B 505 -3.70 19.72 -22.51
CA MET B 505 -2.95 18.46 -22.50
C MET B 505 -2.28 18.19 -23.84
N ALA B 506 -2.92 18.59 -24.94
CA ALA B 506 -2.33 18.38 -26.25
C ALA B 506 -1.10 19.26 -26.44
N ASN B 507 -1.23 20.55 -26.13
CA ASN B 507 -0.09 21.45 -26.22
C ASN B 507 1.02 21.09 -25.23
N ALA B 508 0.68 20.36 -24.16
CA ALA B 508 1.69 19.92 -23.20
C ALA B 508 2.39 18.66 -23.67
N ILE B 509 1.64 17.68 -24.16
CA ILE B 509 2.22 16.41 -24.59
C ILE B 509 3.06 16.59 -25.84
N CYS B 510 2.56 17.38 -26.80
CA CYS B 510 3.35 17.63 -28.01
C CYS B 510 4.65 18.36 -27.68
N SER B 511 4.65 19.15 -26.60
CA SER B 511 5.89 19.80 -26.17
C SER B 511 6.78 18.86 -25.38
N ALA B 512 6.21 17.87 -24.69
CA ALA B 512 7.02 16.92 -23.93
C ALA B 512 7.66 15.86 -24.83
N VAL B 513 6.99 15.50 -25.92
CA VAL B 513 7.52 14.49 -26.84
C VAL B 513 8.43 15.19 -27.85
N PRO B 514 9.53 14.56 -28.28
CA PRO B 514 10.39 15.18 -29.29
C PRO B 514 9.64 15.45 -30.58
N VAL B 515 9.93 16.60 -31.19
CA VAL B 515 9.16 17.04 -32.35
C VAL B 515 9.46 16.18 -33.56
N ASP B 516 10.70 15.70 -33.71
CA ASP B 516 11.10 14.97 -34.90
C ASP B 516 10.50 13.57 -34.99
N TRP B 517 9.83 13.10 -33.94
CA TRP B 517 9.37 11.73 -33.89
C TRP B 517 8.07 11.55 -34.67
N VAL B 518 7.67 10.29 -34.76
CA VAL B 518 6.44 9.90 -35.42
C VAL B 518 5.56 9.21 -34.39
N PRO B 519 4.28 9.50 -34.44
CA PRO B 519 3.30 8.92 -33.52
C PRO B 519 2.99 7.46 -33.82
N THR B 520 2.66 6.71 -32.79
CA THR B 520 2.27 5.33 -32.93
C THR B 520 0.81 5.43 -33.28
N GLY B 521 0.10 4.33 -33.24
CA GLY B 521 -1.25 4.28 -33.74
C GLY B 521 -2.18 3.68 -32.73
N ARG B 522 -3.48 3.77 -32.96
CA ARG B 522 -4.42 3.20 -32.02
C ARG B 522 -5.19 4.20 -31.19
N THR B 523 -5.25 5.45 -31.62
CA THR B 523 -5.97 6.43 -30.84
C THR B 523 -7.43 6.05 -30.72
N THR B 524 -8.07 5.64 -31.80
CA THR B 524 -9.43 5.24 -31.70
C THR B 524 -9.65 4.02 -32.55
N TRP B 525 -10.75 3.34 -32.29
CA TRP B 525 -11.06 2.15 -33.03
C TRP B 525 -12.24 2.31 -33.95
N SER B 526 -12.89 3.45 -33.93
CA SER B 526 -14.00 3.73 -34.82
C SER B 526 -13.50 4.01 -36.23
N ILE B 527 -14.24 3.50 -37.22
CA ILE B 527 -13.86 3.70 -38.61
C ILE B 527 -13.91 5.17 -39.03
N HIS B 528 -14.44 6.04 -38.17
CA HIS B 528 -14.50 7.47 -38.45
C HIS B 528 -13.28 8.22 -37.96
N GLY B 529 -12.33 7.54 -37.33
CA GLY B 529 -11.05 8.14 -37.01
C GLY B 529 -10.06 7.93 -38.15
N LYS B 530 -10.02 8.87 -39.09
CA LYS B 530 -9.23 8.69 -40.29
C LYS B 530 -7.73 8.70 -40.01
N GLY B 531 -7.31 9.43 -38.97
CA GLY B 531 -5.91 9.45 -38.60
C GLY B 531 -5.07 10.47 -39.36
N GLU B 532 -5.54 11.71 -39.42
CA GLU B 532 -4.74 12.79 -39.98
C GLU B 532 -3.71 13.32 -38.99
N TRP B 533 -3.78 12.88 -37.73
CA TRP B 533 -2.86 13.33 -36.69
C TRP B 533 -1.61 12.46 -36.59
N MET B 534 -1.47 11.46 -37.44
CA MET B 534 -0.32 10.57 -37.43
C MET B 534 0.89 11.15 -38.19
N THR B 535 0.83 12.42 -38.58
CA THR B 535 1.89 13.05 -39.33
C THR B 535 2.63 14.06 -38.47
N THR B 536 3.89 14.30 -38.81
CA THR B 536 4.69 15.33 -38.16
C THR B 536 4.39 16.72 -38.72
N GLU B 537 3.46 16.82 -39.67
CA GLU B 537 3.09 18.09 -40.27
C GLU B 537 2.59 19.05 -39.18
N ASP B 538 2.74 20.34 -39.45
CA ASP B 538 2.22 21.37 -38.55
C ASP B 538 0.73 21.16 -38.32
N MET B 539 0.34 20.95 -37.06
CA MET B 539 -1.04 20.59 -36.75
C MET B 539 -2.03 21.67 -37.10
N LEU B 540 -1.61 22.94 -37.18
CA LEU B 540 -2.52 23.98 -37.65
C LEU B 540 -2.78 23.85 -39.13
N MET B 541 -1.76 23.46 -39.90
CA MET B 541 -1.97 23.19 -41.33
C MET B 541 -2.92 22.02 -41.52
N VAL B 542 -2.78 20.97 -40.72
CA VAL B 542 -3.70 19.83 -40.78
C VAL B 542 -5.10 20.27 -40.40
N TRP B 543 -5.22 21.09 -39.35
CA TRP B 543 -6.52 21.60 -38.93
C TRP B 543 -7.19 22.40 -40.04
N ASN B 544 -6.41 23.26 -40.71
CA ASN B 544 -6.96 24.07 -41.79
C ASN B 544 -7.36 23.20 -42.98
N ARG B 545 -6.55 22.18 -43.28
CA ARG B 545 -6.87 21.29 -44.38
C ARG B 545 -8.15 20.50 -44.12
N VAL B 546 -8.35 20.07 -42.87
CA VAL B 546 -9.50 19.24 -42.56
C VAL B 546 -10.77 20.08 -42.40
N TRP B 547 -10.66 21.25 -41.76
CA TRP B 547 -11.83 22.02 -41.37
C TRP B 547 -12.18 23.14 -42.33
N ILE B 548 -11.26 23.57 -43.19
CA ILE B 548 -11.53 24.75 -44.02
C ILE B 548 -11.19 24.46 -45.49
N GLU B 549 -9.99 23.95 -45.74
CA GLU B 549 -9.55 23.74 -47.13
C GLU B 549 -10.37 22.64 -47.79
N GLU B 550 -10.32 21.43 -47.25
CA GLU B 550 -11.02 20.29 -47.83
C GLU B 550 -12.41 20.07 -47.23
N ASN B 551 -12.95 21.05 -46.52
CA ASN B 551 -14.28 20.95 -45.93
C ASN B 551 -15.31 21.41 -46.96
N ASP B 552 -16.17 20.49 -47.39
CA ASP B 552 -17.19 20.82 -48.37
C ASP B 552 -18.31 21.68 -47.80
N HIS B 553 -18.39 21.82 -46.48
CA HIS B 553 -19.40 22.67 -45.84
C HIS B 553 -18.87 24.05 -45.50
N MET B 554 -17.59 24.32 -45.74
CA MET B 554 -16.98 25.62 -45.48
C MET B 554 -16.81 26.34 -46.81
N GLU B 555 -17.58 27.41 -47.01
CA GLU B 555 -17.56 28.14 -48.28
C GLU B 555 -16.35 29.06 -48.34
N ASP B 556 -16.31 30.06 -47.45
CA ASP B 556 -15.18 30.98 -47.37
C ASP B 556 -13.99 30.22 -46.82
N LYS B 557 -13.05 29.89 -47.70
CA LYS B 557 -11.90 29.08 -47.34
C LYS B 557 -10.77 29.91 -46.71
N THR B 558 -11.07 31.08 -46.17
CA THR B 558 -10.05 31.88 -45.52
C THR B 558 -9.50 31.14 -44.32
N PRO B 559 -8.19 30.94 -44.23
CA PRO B 559 -7.61 30.14 -43.15
C PRO B 559 -7.62 30.86 -41.80
N VAL B 560 -7.26 30.10 -40.77
CA VAL B 560 -7.07 30.63 -39.43
C VAL B 560 -5.60 30.96 -39.24
N THR B 561 -5.24 31.52 -38.09
CA THR B 561 -3.90 32.05 -37.85
C THR B 561 -3.12 31.35 -36.74
N LYS B 562 -3.77 30.93 -35.67
CA LYS B 562 -3.13 30.11 -34.63
C LYS B 562 -4.19 29.58 -33.69
N TRP B 563 -3.80 28.59 -32.88
CA TRP B 563 -4.72 27.95 -31.95
C TRP B 563 -5.32 28.94 -30.95
N THR B 564 -4.67 30.09 -30.73
CA THR B 564 -5.30 31.13 -29.92
C THR B 564 -6.54 31.68 -30.60
N ASP B 565 -6.60 31.57 -31.93
CA ASP B 565 -7.77 31.97 -32.71
C ASP B 565 -8.78 30.84 -32.87
N ILE B 566 -8.48 29.66 -32.37
CA ILE B 566 -9.41 28.53 -32.46
C ILE B 566 -10.45 28.66 -31.34
N PRO B 567 -11.74 28.52 -31.65
CA PRO B 567 -12.78 28.75 -30.63
C PRO B 567 -12.98 27.54 -29.74
N TYR B 568 -12.80 27.72 -28.44
CA TYR B 568 -13.33 26.77 -27.47
C TYR B 568 -14.85 26.82 -27.52
N LEU B 569 -15.48 25.69 -27.20
CA LEU B 569 -16.92 25.76 -27.04
C LEU B 569 -17.26 26.40 -25.70
N GLY B 570 -18.53 26.81 -25.56
CA GLY B 570 -18.99 27.51 -24.38
C GLY B 570 -18.61 26.86 -23.07
N LYS B 571 -18.27 27.67 -22.07
CA LYS B 571 -17.79 27.12 -20.81
C LYS B 571 -18.84 26.23 -20.15
N ARG B 572 -20.10 26.64 -20.19
CA ARG B 572 -21.15 25.86 -19.53
C ARG B 572 -21.25 24.45 -20.10
N GLU B 573 -21.31 24.34 -21.42
CA GLU B 573 -21.39 23.02 -22.06
C GLU B 573 -20.12 22.23 -21.81
N ASP B 574 -18.97 22.89 -21.77
CA ASP B 574 -17.72 22.21 -21.48
C ASP B 574 -17.77 21.57 -20.09
N LEU B 575 -18.10 22.37 -19.07
CA LEU B 575 -18.27 21.84 -17.72
C LEU B 575 -19.28 20.71 -17.69
N TRP B 576 -20.33 20.80 -18.50
CA TRP B 576 -21.33 19.75 -18.53
C TRP B 576 -20.77 18.46 -19.11
N CYS B 577 -19.88 18.55 -20.11
CA CYS B 577 -19.30 17.37 -20.74
C CYS B 577 -18.03 16.90 -20.04
N GLY B 578 -17.90 17.14 -18.74
CA GLY B 578 -16.82 16.58 -17.96
C GLY B 578 -15.60 17.45 -17.78
N SER B 579 -15.68 18.74 -18.09
CA SER B 579 -14.53 19.62 -17.92
C SER B 579 -14.23 19.82 -16.44
N LEU B 580 -13.02 20.34 -16.17
CA LEU B 580 -12.54 20.53 -14.82
C LEU B 580 -12.05 21.95 -14.55
N ILE B 581 -12.22 22.87 -15.50
CA ILE B 581 -11.75 24.23 -15.28
C ILE B 581 -12.46 24.84 -14.09
N GLY B 582 -11.77 25.76 -13.40
CA GLY B 582 -12.26 26.31 -12.15
C GLY B 582 -11.98 25.46 -10.94
N HIS B 583 -11.64 24.19 -11.12
CA HIS B 583 -11.29 23.33 -10.01
C HIS B 583 -9.91 23.70 -9.47
N ARG B 584 -9.77 23.70 -8.15
CA ARG B 584 -8.48 24.05 -7.55
C ARG B 584 -7.37 23.10 -7.96
N PRO B 585 -7.52 21.77 -7.91
CA PRO B 585 -6.47 20.91 -8.45
C PRO B 585 -6.21 21.14 -9.92
N ARG B 586 -7.25 21.43 -10.70
CA ARG B 586 -7.08 21.73 -12.13
C ARG B 586 -6.26 23.01 -12.31
N THR B 587 -6.54 24.04 -11.52
CA THR B 587 -5.79 25.29 -11.66
C THR B 587 -4.35 25.12 -11.21
N THR B 588 -4.11 24.37 -10.13
CA THR B 588 -2.73 24.10 -9.72
C THR B 588 -2.00 23.27 -10.78
N TRP B 589 -2.71 22.34 -11.42
CA TRP B 589 -2.15 21.56 -12.51
C TRP B 589 -1.76 22.46 -13.67
N ALA B 590 -2.64 23.39 -14.05
CA ALA B 590 -2.31 24.32 -15.13
C ALA B 590 -1.15 25.24 -14.75
N GLU B 591 -1.04 25.60 -13.48
CA GLU B 591 0.05 26.48 -13.05
C GLU B 591 1.39 25.75 -13.08
N ASN B 592 1.43 24.53 -12.56
CA ASN B 592 2.62 23.70 -12.58
C ASN B 592 2.75 22.88 -13.86
N ILE B 593 1.98 23.23 -14.89
CA ILE B 593 2.12 22.58 -16.20
C ILE B 593 3.55 22.66 -16.70
N LYS B 594 4.23 23.79 -16.46
CA LYS B 594 5.61 23.93 -16.91
C LYS B 594 6.53 23.01 -16.13
N ASP B 595 6.41 23.02 -14.80
CA ASP B 595 7.18 22.09 -13.98
C ASP B 595 6.98 20.65 -14.43
N THR B 596 5.73 20.26 -14.66
CA THR B 596 5.43 18.87 -14.98
C THR B 596 5.91 18.51 -16.39
N VAL B 597 5.75 19.41 -17.36
CA VAL B 597 6.21 19.12 -18.71
C VAL B 597 7.73 19.01 -18.73
N ASN B 598 8.42 19.83 -17.94
CA ASN B 598 9.88 19.73 -17.91
C ASN B 598 10.34 18.46 -17.22
N MET B 599 9.67 18.09 -16.12
CA MET B 599 9.97 16.83 -15.45
C MET B 599 9.61 15.62 -16.30
N VAL B 600 8.70 15.76 -17.26
CA VAL B 600 8.36 14.67 -18.16
C VAL B 600 9.28 14.61 -19.36
N ARG B 601 9.85 15.77 -19.71
CA ARG B 601 10.86 15.86 -20.80
C ARG B 601 12.02 14.98 -20.33
N ARG B 602 12.28 15.03 -19.02
CA ARG B 602 13.32 14.19 -18.35
C ARG B 602 12.79 12.76 -18.26
N ILE B 603 13.72 11.79 -18.31
CA ILE B 603 13.52 10.29 -18.31
C ILE B 603 13.21 9.80 -19.73
N ILE B 604 13.30 10.71 -20.70
CA ILE B 604 13.07 10.42 -22.14
C ILE B 604 14.30 10.87 -22.92
N GLY B 605 14.65 12.15 -22.84
CA GLY B 605 15.83 12.69 -23.56
C GLY B 605 15.98 14.19 -23.37
N GLU B 608 12.60 14.71 -25.43
CA GLU B 608 13.71 15.63 -25.62
C GLU B 608 13.17 17.04 -25.78
N LYS B 609 11.89 17.11 -26.15
CA LYS B 609 11.08 18.33 -26.03
C LYS B 609 11.71 19.50 -26.79
N TYR B 610 11.87 19.31 -28.10
CA TYR B 610 12.55 20.32 -28.90
C TYR B 610 11.67 21.51 -29.25
N MET B 611 10.37 21.46 -28.97
CA MET B 611 9.50 22.60 -29.18
C MET B 611 8.64 22.84 -27.95
N ASP B 612 8.54 24.11 -27.54
CA ASP B 612 7.67 24.52 -26.45
C ASP B 612 6.39 25.06 -27.06
N TYR B 613 5.29 24.38 -26.79
CA TYR B 613 4.00 24.76 -27.36
C TYR B 613 3.19 25.64 -26.43
N LEU B 614 3.77 26.12 -25.34
CA LEU B 614 3.05 26.94 -24.39
C LEU B 614 3.64 28.34 -24.32
#